data_2FGG
# 
_entry.id   2FGG 
# 
_audit_conform.dict_name       mmcif_pdbx.dic 
_audit_conform.dict_version    5.397 
_audit_conform.dict_location   http://mmcif.pdb.org/dictionaries/ascii/mmcif_pdbx.dic 
# 
loop_
_database_2.database_id 
_database_2.database_code 
_database_2.pdbx_database_accession 
_database_2.pdbx_DOI 
PDB   2FGG         pdb_00002fgg 10.2210/pdb2fgg/pdb 
RCSB  RCSB035849   ?            ?                   
WWPDB D_1000035849 ?            ?                   
# 
loop_
_pdbx_audit_revision_history.ordinal 
_pdbx_audit_revision_history.data_content_type 
_pdbx_audit_revision_history.major_revision 
_pdbx_audit_revision_history.minor_revision 
_pdbx_audit_revision_history.revision_date 
1 'Structure model' 1 0 2006-02-14 
2 'Structure model' 1 1 2008-05-01 
3 'Structure model' 1 2 2011-07-13 
4 'Structure model' 1 3 2024-10-09 
# 
_pdbx_audit_revision_details.ordinal             1 
_pdbx_audit_revision_details.revision_ordinal    1 
_pdbx_audit_revision_details.data_content_type   'Structure model' 
_pdbx_audit_revision_details.provider            repository 
_pdbx_audit_revision_details.type                'Initial release' 
_pdbx_audit_revision_details.description         ? 
_pdbx_audit_revision_details.details             ? 
# 
loop_
_pdbx_audit_revision_group.ordinal 
_pdbx_audit_revision_group.revision_ordinal 
_pdbx_audit_revision_group.data_content_type 
_pdbx_audit_revision_group.group 
1 2 'Structure model' 'Version format compliance' 
2 3 'Structure model' Advisory                    
3 3 'Structure model' 'Derived calculations'      
4 3 'Structure model' 'Version format compliance' 
5 4 'Structure model' 'Data collection'           
6 4 'Structure model' 'Database references'       
7 4 'Structure model' 'Derived calculations'      
8 4 'Structure model' 'Structure summary'         
# 
loop_
_pdbx_audit_revision_category.ordinal 
_pdbx_audit_revision_category.revision_ordinal 
_pdbx_audit_revision_category.data_content_type 
_pdbx_audit_revision_category.category 
1 4 'Structure model' chem_comp_atom            
2 4 'Structure model' chem_comp_bond            
3 4 'Structure model' database_2                
4 4 'Structure model' pdbx_entry_details        
5 4 'Structure model' pdbx_modification_feature 
6 4 'Structure model' struct_conn               
7 4 'Structure model' struct_ref_seq_dif        
# 
loop_
_pdbx_audit_revision_item.ordinal 
_pdbx_audit_revision_item.revision_ordinal 
_pdbx_audit_revision_item.data_content_type 
_pdbx_audit_revision_item.item 
1 4 'Structure model' '_database_2.pdbx_DOI'                
2 4 'Structure model' '_database_2.pdbx_database_accession' 
3 4 'Structure model' '_struct_conn.pdbx_leaving_atom_flag' 
4 4 'Structure model' '_struct_ref_seq_dif.details'         
# 
_pdbx_database_status.status_code                     REL 
_pdbx_database_status.entry_id                        2FGG 
_pdbx_database_status.recvd_initial_deposition_date   2005-12-21 
_pdbx_database_status.deposit_site                    RCSB 
_pdbx_database_status.process_site                    RCSB 
_pdbx_database_status.status_code_sf                  REL 
_pdbx_database_status.status_code_mr                  ? 
_pdbx_database_status.SG_entry                        Y 
_pdbx_database_status.pdb_format_compatible           Y 
_pdbx_database_status.status_code_cs                  ? 
_pdbx_database_status.status_code_nmr_data            ? 
_pdbx_database_status.methods_development_category    ? 
# 
_pdbx_database_related.db_name        TargetDB 
_pdbx_database_related.db_id          Rv2632c 
_pdbx_database_related.details        . 
_pdbx_database_related.content_type   unspecified 
# 
loop_
_audit_author.name 
_audit_author.pdbx_ordinal 
'Yu, M.'                                    1  
'Bursey, E.H.'                              2  
'Radhakannan, T.'                           3  
'Segelke, B.W.'                             4  
'Lekin, T.'                                 5  
'Toppani, D.'                               6  
'Kim, C.Y.'                                 7  
'Kaviratne, T.'                             8  
'Woodruff, T.'                              9  
'Terwilliger, T.C.'                         10 
'Hung, L.W.'                                11 
'TB Structural Genomics Consortium (TBSGC)' 12 
# 
_citation.id                        primary 
_citation.title                     'Crystal Structure of Rv2632c' 
_citation.journal_abbrev            'To be Published' 
_citation.journal_volume            ? 
_citation.page_first                ? 
_citation.page_last                 ? 
_citation.year                      ? 
_citation.journal_id_ASTM           ? 
_citation.country                   ? 
_citation.journal_id_ISSN           ? 
_citation.journal_id_CSD            0353 
_citation.book_publisher            ? 
_citation.pdbx_database_id_PubMed   ? 
_citation.pdbx_database_id_DOI      ? 
# 
loop_
_citation_author.citation_id 
_citation_author.name 
_citation_author.ordinal 
_citation_author.identifier_ORCID 
primary 'Yu, M.'            1  ? 
primary 'Bursey, E.H.'      2  ? 
primary 'Radhakannan, T.'   3  ? 
primary 'Segelke, B.W.'     4  ? 
primary 'Lekin, T.'         5  ? 
primary 'Toppani, D.'       6  ? 
primary 'Kim, C.Y.'         7  ? 
primary 'Kaviratne, T.'     8  ? 
primary 'Woodruff, T.'      9  ? 
primary 'Terwilliger, T.C.' 10 ? 
primary 'Hung, L.W.'        11 ? 
# 
loop_
_entity.id 
_entity.type 
_entity.src_method 
_entity.pdbx_description 
_entity.formula_weight 
_entity.pdbx_number_of_molecules 
_entity.pdbx_ec 
_entity.pdbx_mutation 
_entity.pdbx_fragment 
_entity.details 
1 polymer man 'Hypothetical protein Rv2632c/MT2708' 11263.204 1  ? ? ? ? 
2 water   nat water                                 18.015    14 ? ? ? ? 
# 
_entity_poly.entity_id                      1 
_entity_poly.type                           'polypeptide(L)' 
_entity_poly.nstd_linkage                   no 
_entity_poly.nstd_monomer                   yes 
_entity_poly.pdbx_seq_one_letter_code       
;(MSE)TDSEHVGKTCQIDVLIEEHDERTRAKARLSWAGRQ(MSE)VGVGLARLDPADEPVAQIGDELAIARALSDLANQL
FALTSSDIEASTHQPVTGLHHRSHHHHHH
;
_entity_poly.pdbx_seq_one_letter_code_can   
;MTDSEHVGKTCQIDVLIEEHDERTRAKARLSWAGRQMVGVGLARLDPADEPVAQIGDELAIARALSDLANQLFALTSSDI
EASTHQPVTGLHHRSHHHHHH
;
_entity_poly.pdbx_strand_id                 A 
_entity_poly.pdbx_target_identifier         Rv2632c 
# 
_pdbx_entity_nonpoly.entity_id   2 
_pdbx_entity_nonpoly.name        water 
_pdbx_entity_nonpoly.comp_id     HOH 
# 
loop_
_entity_poly_seq.entity_id 
_entity_poly_seq.num 
_entity_poly_seq.mon_id 
_entity_poly_seq.hetero 
1 1   MSE n 
1 2   THR n 
1 3   ASP n 
1 4   SER n 
1 5   GLU n 
1 6   HIS n 
1 7   VAL n 
1 8   GLY n 
1 9   LYS n 
1 10  THR n 
1 11  CYS n 
1 12  GLN n 
1 13  ILE n 
1 14  ASP n 
1 15  VAL n 
1 16  LEU n 
1 17  ILE n 
1 18  GLU n 
1 19  GLU n 
1 20  HIS n 
1 21  ASP n 
1 22  GLU n 
1 23  ARG n 
1 24  THR n 
1 25  ARG n 
1 26  ALA n 
1 27  LYS n 
1 28  ALA n 
1 29  ARG n 
1 30  LEU n 
1 31  SER n 
1 32  TRP n 
1 33  ALA n 
1 34  GLY n 
1 35  ARG n 
1 36  GLN n 
1 37  MSE n 
1 38  VAL n 
1 39  GLY n 
1 40  VAL n 
1 41  GLY n 
1 42  LEU n 
1 43  ALA n 
1 44  ARG n 
1 45  LEU n 
1 46  ASP n 
1 47  PRO n 
1 48  ALA n 
1 49  ASP n 
1 50  GLU n 
1 51  PRO n 
1 52  VAL n 
1 53  ALA n 
1 54  GLN n 
1 55  ILE n 
1 56  GLY n 
1 57  ASP n 
1 58  GLU n 
1 59  LEU n 
1 60  ALA n 
1 61  ILE n 
1 62  ALA n 
1 63  ARG n 
1 64  ALA n 
1 65  LEU n 
1 66  SER n 
1 67  ASP n 
1 68  LEU n 
1 69  ALA n 
1 70  ASN n 
1 71  GLN n 
1 72  LEU n 
1 73  PHE n 
1 74  ALA n 
1 75  LEU n 
1 76  THR n 
1 77  SER n 
1 78  SER n 
1 79  ASP n 
1 80  ILE n 
1 81  GLU n 
1 82  ALA n 
1 83  SER n 
1 84  THR n 
1 85  HIS n 
1 86  GLN n 
1 87  PRO n 
1 88  VAL n 
1 89  THR n 
1 90  GLY n 
1 91  LEU n 
1 92  HIS n 
1 93  HIS n 
1 94  ARG n 
1 95  SER n 
1 96  HIS n 
1 97  HIS n 
1 98  HIS n 
1 99  HIS n 
1 100 HIS n 
1 101 HIS n 
# 
_entity_src_gen.entity_id                          1 
_entity_src_gen.pdbx_src_id                        1 
_entity_src_gen.pdbx_alt_source_flag               sample 
_entity_src_gen.pdbx_seq_type                      ? 
_entity_src_gen.pdbx_beg_seq_num                   ? 
_entity_src_gen.pdbx_end_seq_num                   ? 
_entity_src_gen.gene_src_common_name               ? 
_entity_src_gen.gene_src_genus                     Mycobacterium 
_entity_src_gen.pdbx_gene_src_gene                 ? 
_entity_src_gen.gene_src_species                   ? 
_entity_src_gen.gene_src_strain                    ? 
_entity_src_gen.gene_src_tissue                    ? 
_entity_src_gen.gene_src_tissue_fraction           ? 
_entity_src_gen.gene_src_details                   ? 
_entity_src_gen.pdbx_gene_src_fragment             ? 
_entity_src_gen.pdbx_gene_src_scientific_name      'Mycobacterium tuberculosis' 
_entity_src_gen.pdbx_gene_src_ncbi_taxonomy_id     1773 
_entity_src_gen.pdbx_gene_src_variant              ? 
_entity_src_gen.pdbx_gene_src_cell_line            ? 
_entity_src_gen.pdbx_gene_src_atcc                 ? 
_entity_src_gen.pdbx_gene_src_organ                ? 
_entity_src_gen.pdbx_gene_src_organelle            ? 
_entity_src_gen.pdbx_gene_src_cell                 ? 
_entity_src_gen.pdbx_gene_src_cellular_location    ? 
_entity_src_gen.host_org_common_name               ? 
_entity_src_gen.pdbx_host_org_scientific_name      'Escherichia coli BL21(DE3)' 
_entity_src_gen.pdbx_host_org_ncbi_taxonomy_id     469008 
_entity_src_gen.host_org_genus                     Escherichia 
_entity_src_gen.pdbx_host_org_gene                 ? 
_entity_src_gen.pdbx_host_org_organ                ? 
_entity_src_gen.host_org_species                   'Escherichia coli' 
_entity_src_gen.pdbx_host_org_tissue               ? 
_entity_src_gen.pdbx_host_org_tissue_fraction      ? 
_entity_src_gen.pdbx_host_org_strain               BL21/DE3 
_entity_src_gen.pdbx_host_org_variant              ? 
_entity_src_gen.pdbx_host_org_cell_line            ? 
_entity_src_gen.pdbx_host_org_atcc                 ? 
_entity_src_gen.pdbx_host_org_culture_collection   ? 
_entity_src_gen.pdbx_host_org_cell                 ? 
_entity_src_gen.pdbx_host_org_organelle            ? 
_entity_src_gen.pdbx_host_org_cellular_location    ? 
_entity_src_gen.pdbx_host_org_vector_type          ? 
_entity_src_gen.pdbx_host_org_vector               Custom 
_entity_src_gen.host_org_details                   ? 
_entity_src_gen.expression_system_id               ? 
_entity_src_gen.plasmid_name                       ? 
_entity_src_gen.plasmid_details                    ? 
_entity_src_gen.pdbx_description                   ? 
# 
loop_
_chem_comp.id 
_chem_comp.type 
_chem_comp.mon_nstd_flag 
_chem_comp.name 
_chem_comp.pdbx_synonyms 
_chem_comp.formula 
_chem_comp.formula_weight 
ALA 'L-peptide linking' y ALANINE          ? 'C3 H7 N O2'     89.093  
ARG 'L-peptide linking' y ARGININE         ? 'C6 H15 N4 O2 1' 175.209 
ASN 'L-peptide linking' y ASPARAGINE       ? 'C4 H8 N2 O3'    132.118 
ASP 'L-peptide linking' y 'ASPARTIC ACID'  ? 'C4 H7 N O4'     133.103 
CYS 'L-peptide linking' y CYSTEINE         ? 'C3 H7 N O2 S'   121.158 
GLN 'L-peptide linking' y GLUTAMINE        ? 'C5 H10 N2 O3'   146.144 
GLU 'L-peptide linking' y 'GLUTAMIC ACID'  ? 'C5 H9 N O4'     147.129 
GLY 'peptide linking'   y GLYCINE          ? 'C2 H5 N O2'     75.067  
HIS 'L-peptide linking' y HISTIDINE        ? 'C6 H10 N3 O2 1' 156.162 
HOH non-polymer         . WATER            ? 'H2 O'           18.015  
ILE 'L-peptide linking' y ISOLEUCINE       ? 'C6 H13 N O2'    131.173 
LEU 'L-peptide linking' y LEUCINE          ? 'C6 H13 N O2'    131.173 
LYS 'L-peptide linking' y LYSINE           ? 'C6 H15 N2 O2 1' 147.195 
MET 'L-peptide linking' y METHIONINE       ? 'C5 H11 N O2 S'  149.211 
MSE 'L-peptide linking' n SELENOMETHIONINE ? 'C5 H11 N O2 Se' 196.106 
PHE 'L-peptide linking' y PHENYLALANINE    ? 'C9 H11 N O2'    165.189 
PRO 'L-peptide linking' y PROLINE          ? 'C5 H9 N O2'     115.130 
SER 'L-peptide linking' y SERINE           ? 'C3 H7 N O3'     105.093 
THR 'L-peptide linking' y THREONINE        ? 'C4 H9 N O3'     119.119 
TRP 'L-peptide linking' y TRYPTOPHAN       ? 'C11 H12 N2 O2'  204.225 
VAL 'L-peptide linking' y VALINE           ? 'C5 H11 N O2'    117.146 
# 
loop_
_pdbx_poly_seq_scheme.asym_id 
_pdbx_poly_seq_scheme.entity_id 
_pdbx_poly_seq_scheme.seq_id 
_pdbx_poly_seq_scheme.mon_id 
_pdbx_poly_seq_scheme.ndb_seq_num 
_pdbx_poly_seq_scheme.pdb_seq_num 
_pdbx_poly_seq_scheme.auth_seq_num 
_pdbx_poly_seq_scheme.pdb_mon_id 
_pdbx_poly_seq_scheme.auth_mon_id 
_pdbx_poly_seq_scheme.pdb_strand_id 
_pdbx_poly_seq_scheme.pdb_ins_code 
_pdbx_poly_seq_scheme.hetero 
A 1 1   MSE 1   1   ?  ?   ?   A . n 
A 1 2   THR 2   2   ?  ?   ?   A . n 
A 1 3   ASP 3   3   ?  ?   ?   A . n 
A 1 4   SER 4   4   4  SER SER A . n 
A 1 5   GLU 5   5   5  GLU GLU A . n 
A 1 6   HIS 6   6   6  HIS HIS A . n 
A 1 7   VAL 7   7   7  VAL VAL A . n 
A 1 8   GLY 8   8   8  GLY GLY A . n 
A 1 9   LYS 9   9   9  LYS LYS A . n 
A 1 10  THR 10  10  10 THR THR A . n 
A 1 11  CYS 11  11  11 CYS CYS A . n 
A 1 12  GLN 12  12  12 GLN GLN A . n 
A 1 13  ILE 13  13  13 ILE ILE A . n 
A 1 14  ASP 14  14  14 ASP ASP A . n 
A 1 15  VAL 15  15  15 VAL VAL A . n 
A 1 16  LEU 16  16  16 LEU LEU A . n 
A 1 17  ILE 17  17  17 ILE ILE A . n 
A 1 18  GLU 18  18  18 GLU GLU A . n 
A 1 19  GLU 19  19  19 GLU GLU A . n 
A 1 20  HIS 20  20  20 HIS HIS A . n 
A 1 21  ASP 21  21  21 ASP ASP A . n 
A 1 22  GLU 22  22  22 GLU GLU A . n 
A 1 23  ARG 23  23  23 ARG ARG A . n 
A 1 24  THR 24  24  24 THR THR A . n 
A 1 25  ARG 25  25  25 ARG ARG A . n 
A 1 26  ALA 26  26  26 ALA ALA A . n 
A 1 27  LYS 27  27  27 LYS LYS A . n 
A 1 28  ALA 28  28  28 ALA ALA A . n 
A 1 29  ARG 29  29  29 ARG ARG A . n 
A 1 30  LEU 30  30  30 LEU LEU A . n 
A 1 31  SER 31  31  31 SER SER A . n 
A 1 32  TRP 32  32  32 TRP TRP A . n 
A 1 33  ALA 33  33  33 ALA ALA A . n 
A 1 34  GLY 34  34  34 GLY GLY A . n 
A 1 35  ARG 35  35  35 ARG ARG A . n 
A 1 36  GLN 36  36  36 GLN GLN A . n 
A 1 37  MSE 37  37  37 MSE MSE A . n 
A 1 38  VAL 38  38  38 VAL VAL A . n 
A 1 39  GLY 39  39  39 GLY GLY A . n 
A 1 40  VAL 40  40  40 VAL VAL A . n 
A 1 41  GLY 41  41  41 GLY GLY A . n 
A 1 42  LEU 42  42  42 LEU LEU A . n 
A 1 43  ALA 43  43  43 ALA ALA A . n 
A 1 44  ARG 44  44  44 ARG ARG A . n 
A 1 45  LEU 45  45  45 LEU LEU A . n 
A 1 46  ASP 46  46  46 ASP ASP A . n 
A 1 47  PRO 47  47  47 PRO PRO A . n 
A 1 48  ALA 48  48  48 ALA ALA A . n 
A 1 49  ASP 49  49  49 ASP ASP A . n 
A 1 50  GLU 50  50  50 GLU GLU A . n 
A 1 51  PRO 51  51  51 PRO PRO A . n 
A 1 52  VAL 52  52  52 VAL VAL A . n 
A 1 53  ALA 53  53  53 ALA ALA A . n 
A 1 54  GLN 54  54  54 GLN GLN A . n 
A 1 55  ILE 55  55  55 ILE ILE A . n 
A 1 56  GLY 56  56  56 GLY GLY A . n 
A 1 57  ASP 57  57  57 ASP ASP A . n 
A 1 58  GLU 58  58  58 GLU GLU A . n 
A 1 59  LEU 59  59  59 LEU LEU A . n 
A 1 60  ALA 60  60  60 ALA ALA A . n 
A 1 61  ILE 61  61  61 ILE ILE A . n 
A 1 62  ALA 62  62  62 ALA ALA A . n 
A 1 63  ARG 63  63  63 ARG ARG A . n 
A 1 64  ALA 64  64  64 ALA ALA A . n 
A 1 65  LEU 65  65  65 LEU LEU A . n 
A 1 66  SER 66  66  66 SER SER A . n 
A 1 67  ASP 67  67  67 ASP ASP A . n 
A 1 68  LEU 68  68  68 LEU LEU A . n 
A 1 69  ALA 69  69  69 ALA ALA A . n 
A 1 70  ASN 70  70  70 ASN ASN A . n 
A 1 71  GLN 71  71  71 GLN GLN A . n 
A 1 72  LEU 72  72  72 LEU LEU A . n 
A 1 73  PHE 73  73  73 PHE PHE A . n 
A 1 74  ALA 74  74  74 ALA ALA A . n 
A 1 75  LEU 75  75  75 LEU LEU A . n 
A 1 76  THR 76  76  76 THR THR A . n 
A 1 77  SER 77  77  77 SER SER A . n 
A 1 78  SER 78  78  78 SER SER A . n 
A 1 79  ASP 79  79  79 ASP ASP A . n 
A 1 80  ILE 80  80  80 ILE ILE A . n 
A 1 81  GLU 81  81  81 GLU GLU A . n 
A 1 82  ALA 82  82  82 ALA ALA A . n 
A 1 83  SER 83  83  83 SER SER A . n 
A 1 84  THR 84  84  84 THR THR A . n 
A 1 85  HIS 85  85  85 HIS HIS A . n 
A 1 86  GLN 86  86  86 GLN GLN A . n 
A 1 87  PRO 87  87  87 PRO PRO A . n 
A 1 88  VAL 88  88  ?  ?   ?   A . n 
A 1 89  THR 89  89  ?  ?   ?   A . n 
A 1 90  GLY 90  90  ?  ?   ?   A . n 
A 1 91  LEU 91  91  ?  ?   ?   A . n 
A 1 92  HIS 92  92  ?  ?   ?   A . n 
A 1 93  HIS 93  93  ?  ?   ?   A . n 
A 1 94  ARG 94  94  ?  ?   ?   A . n 
A 1 95  SER 95  95  ?  ?   ?   A . n 
A 1 96  HIS 96  96  ?  ?   ?   A . n 
A 1 97  HIS 97  97  ?  ?   ?   A . n 
A 1 98  HIS 98  98  ?  ?   ?   A . n 
A 1 99  HIS 99  99  ?  ?   ?   A . n 
A 1 100 HIS 100 100 ?  ?   ?   A . n 
A 1 101 HIS 101 101 ?  ?   ?   A . n 
# 
loop_
_pdbx_nonpoly_scheme.asym_id 
_pdbx_nonpoly_scheme.entity_id 
_pdbx_nonpoly_scheme.mon_id 
_pdbx_nonpoly_scheme.ndb_seq_num 
_pdbx_nonpoly_scheme.pdb_seq_num 
_pdbx_nonpoly_scheme.auth_seq_num 
_pdbx_nonpoly_scheme.pdb_mon_id 
_pdbx_nonpoly_scheme.auth_mon_id 
_pdbx_nonpoly_scheme.pdb_strand_id 
_pdbx_nonpoly_scheme.pdb_ins_code 
B 2 HOH 1  102 1  HOH HOH A . 
B 2 HOH 2  103 2  HOH HOH A . 
B 2 HOH 3  104 3  HOH HOH A . 
B 2 HOH 4  105 4  HOH HOH A . 
B 2 HOH 5  106 5  HOH HOH A . 
B 2 HOH 6  107 6  HOH HOH A . 
B 2 HOH 7  108 7  HOH HOH A . 
B 2 HOH 8  109 8  HOH HOH A . 
B 2 HOH 9  110 9  HOH HOH A . 
B 2 HOH 10 111 10 HOH HOH A . 
B 2 HOH 11 112 11 HOH HOH A . 
B 2 HOH 12 113 12 HOH HOH A . 
B 2 HOH 13 114 13 HOH HOH A . 
B 2 HOH 14 115 14 HOH HOH A . 
# 
loop_
_software.name 
_software.classification 
_software.version 
_software.citation_id 
_software.pdbx_ordinal 
REFMAC    refinement       5.2.0005 ? 1 
HKL-2000  'data reduction' .        ? 2 
SCALEPACK 'data scaling'   .        ? 3 
SOLVE     phasing          .        ? 4 
# 
_cell.entry_id           2FGG 
_cell.length_a           48.054 
_cell.length_b           47.510 
_cell.length_c           94.807 
_cell.angle_alpha        90.00 
_cell.angle_beta         90.00 
_cell.angle_gamma        90.00 
_cell.Z_PDB              8 
_cell.pdbx_unique_axis   ? 
_cell.length_a_esd       ? 
_cell.length_b_esd       ? 
_cell.length_c_esd       ? 
_cell.angle_alpha_esd    ? 
_cell.angle_beta_esd     ? 
_cell.angle_gamma_esd    ? 
# 
_symmetry.entry_id                         2FGG 
_symmetry.space_group_name_H-M             'I 21 21 21' 
_symmetry.pdbx_full_space_group_name_H-M   ? 
_symmetry.cell_setting                     ? 
_symmetry.Int_Tables_number                24 
_symmetry.space_group_name_Hall            ? 
# 
_exptl.entry_id          2FGG 
_exptl.method            'X-RAY DIFFRACTION' 
_exptl.crystals_number   1 
# 
_exptl_crystal.id                    1 
_exptl_crystal.density_meas          ? 
_exptl_crystal.density_Matthews      2.4 
_exptl_crystal.density_percent_sol   53.66 
_exptl_crystal.description           ? 
_exptl_crystal.F_000                 ? 
_exptl_crystal.preparation           ? 
# 
_exptl_crystal_grow.crystal_id      1 
_exptl_crystal_grow.method          EVAPORATION 
_exptl_crystal_grow.temp            298 
_exptl_crystal_grow.temp_details    ? 
_exptl_crystal_grow.pH              5.5 
_exptl_crystal_grow.pdbx_details    '0.1M Sodium Cacodylate, 11.5% Isopropanol, pH 5.5, EVAPORATION, temperature 298K' 
_exptl_crystal_grow.pdbx_pH_range   . 
# 
_diffrn.id                     1 
_diffrn.ambient_temp           100 
_diffrn.ambient_temp_details   ? 
_diffrn.crystal_id             1 
# 
_diffrn_detector.diffrn_id              1 
_diffrn_detector.detector               CCD 
_diffrn_detector.type                   'ADSC QUANTUM 4' 
_diffrn_detector.pdbx_collection_date   2005-01-09 
_diffrn_detector.details                ? 
# 
_diffrn_radiation.diffrn_id                        1 
_diffrn_radiation.wavelength_id                    1 
_diffrn_radiation.pdbx_monochromatic_or_laue_m_l   M 
_diffrn_radiation.monochromator                    'Double-crystal, Si(111)' 
_diffrn_radiation.pdbx_diffrn_protocol             'SINGLE WAVELENGTH' 
_diffrn_radiation.pdbx_scattering_type             x-ray 
# 
_diffrn_radiation_wavelength.id           1 
_diffrn_radiation_wavelength.wavelength   0.979259 
_diffrn_radiation_wavelength.wt           1.0 
# 
_diffrn_source.diffrn_id                   1 
_diffrn_source.source                      SYNCHROTRON 
_diffrn_source.type                        'ALS BEAMLINE 5.0.2' 
_diffrn_source.pdbx_synchrotron_site       ALS 
_diffrn_source.pdbx_synchrotron_beamline   5.0.2 
_diffrn_source.pdbx_wavelength             ? 
_diffrn_source.pdbx_wavelength_list        0.979259 
# 
_reflns.entry_id                     2FGG 
_reflns.observed_criterion_sigma_I   2.5 
_reflns.observed_criterion_sigma_F   ? 
_reflns.d_resolution_low             50 
_reflns.d_resolution_high            2.3 
_reflns.number_obs                   4800 
_reflns.number_all                   ? 
_reflns.percent_possible_obs         72.4 
_reflns.pdbx_Rmerge_I_obs            0.066 
_reflns.pdbx_Rsym_value              0.066 
_reflns.pdbx_netI_over_sigmaI        43.2 
_reflns.B_iso_Wilson_estimate        53.0 
_reflns.pdbx_redundancy              10.6 
_reflns.R_free_details               ? 
_reflns.limit_h_max                  ? 
_reflns.limit_h_min                  ? 
_reflns.limit_k_max                  ? 
_reflns.limit_k_min                  ? 
_reflns.limit_l_max                  ? 
_reflns.limit_l_min                  ? 
_reflns.observed_criterion_F_max     ? 
_reflns.observed_criterion_F_min     ? 
_reflns.pdbx_chi_squared             ? 
_reflns.pdbx_scaling_rejects         ? 
_reflns.pdbx_ordinal                 1 
_reflns.pdbx_diffrn_id               1 
# 
_reflns_shell.d_res_high             2.3 
_reflns_shell.d_res_low              ? 
_reflns_shell.percent_possible_all   94.7 
_reflns_shell.Rmerge_I_obs           0.066 
_reflns_shell.pdbx_Rsym_value        0.531 
_reflns_shell.meanI_over_sigI_obs    43.2 
_reflns_shell.pdbx_redundancy        10.6 
_reflns_shell.percent_possible_obs   ? 
_reflns_shell.number_unique_all      326 
_reflns_shell.number_measured_all    ? 
_reflns_shell.number_measured_obs    ? 
_reflns_shell.number_unique_obs      ? 
_reflns_shell.pdbx_chi_squared       ? 
_reflns_shell.pdbx_ordinal           1 
_reflns_shell.pdbx_diffrn_id         1 
# 
_refine.entry_id                                 2FGG 
_refine.ls_number_reflns_obs                     4372 
_refine.ls_number_reflns_all                     ? 
_refine.pdbx_ls_sigma_I                          ? 
_refine.pdbx_ls_sigma_F                          0 
_refine.pdbx_data_cutoff_high_absF               ? 
_refine.pdbx_data_cutoff_low_absF                ? 
_refine.pdbx_data_cutoff_high_rms_absF           ? 
_refine.ls_d_res_low                             19.40 
_refine.ls_d_res_high                            2.30 
_refine.ls_percent_reflns_obs                    100.00 
_refine.ls_R_factor_obs                          0.22634 
_refine.ls_R_factor_all                          0.22634 
_refine.ls_R_factor_R_work                       0.22444 
_refine.ls_R_factor_R_free                       0.26481 
_refine.ls_R_factor_R_free_error                 ? 
_refine.ls_R_factor_R_free_error_details         ? 
_refine.ls_percent_reflns_R_free                 5.3 
_refine.ls_number_reflns_R_free                  233 
_refine.ls_number_parameters                     ? 
_refine.ls_number_restraints                     ? 
_refine.occupancy_min                            ? 
_refine.occupancy_max                            ? 
_refine.correlation_coeff_Fo_to_Fc               0.941 
_refine.correlation_coeff_Fo_to_Fc_free          0.920 
_refine.B_iso_mean                               65.993 
_refine.aniso_B[1][1]                            0.24 
_refine.aniso_B[2][2]                            -0.11 
_refine.aniso_B[3][3]                            -0.13 
_refine.aniso_B[1][2]                            0.00 
_refine.aniso_B[1][3]                            0.00 
_refine.aniso_B[2][3]                            0.00 
_refine.solvent_model_details                    MASK 
_refine.solvent_model_param_ksol                 ? 
_refine.solvent_model_param_bsol                 ? 
_refine.pdbx_solvent_vdw_probe_radii             1.20 
_refine.pdbx_solvent_ion_probe_radii             0.80 
_refine.pdbx_solvent_shrinkage_radii             0.80 
_refine.pdbx_ls_cross_valid_method               THROUGHOUT 
_refine.details                                  'HYDROGENS HAVE BEEN ADDED IN THE RIDING POSITIONS' 
_refine.pdbx_starting_model                      ? 
_refine.pdbx_method_to_determine_struct          SAD 
_refine.pdbx_isotropic_thermal_model             ? 
_refine.pdbx_stereochemistry_target_values       'MAXIMUM LIKELIHOOD WITH PHASES' 
_refine.pdbx_stereochem_target_val_spec_case     ? 
_refine.pdbx_R_Free_selection_details            RANDOM 
_refine.pdbx_overall_ESU_R                       0.344 
_refine.pdbx_overall_ESU_R_Free                  0.247 
_refine.overall_SU_ML                            0.169 
_refine.overall_SU_B                             14.663 
_refine.ls_redundancy_reflns_obs                 ? 
_refine.B_iso_min                                ? 
_refine.B_iso_max                                ? 
_refine.overall_SU_R_Cruickshank_DPI             ? 
_refine.overall_SU_R_free                        ? 
_refine.ls_wR_factor_R_free                      ? 
_refine.ls_wR_factor_R_work                      ? 
_refine.overall_FOM_free_R_set                   ? 
_refine.overall_FOM_work_R_set                   ? 
_refine.pdbx_refine_id                           'X-RAY DIFFRACTION' 
_refine.pdbx_TLS_residual_ADP_flag               'LIKELY RESIDUAL' 
_refine.pdbx_diffrn_id                           1 
_refine.pdbx_overall_phase_error                 ? 
_refine.pdbx_overall_SU_R_free_Cruickshank_DPI   ? 
_refine.pdbx_overall_SU_R_Blow_DPI               ? 
_refine.pdbx_overall_SU_R_free_Blow_DPI          ? 
# 
_refine_hist.pdbx_refine_id                   'X-RAY DIFFRACTION' 
_refine_hist.cycle_id                         LAST 
_refine_hist.pdbx_number_atoms_protein        637 
_refine_hist.pdbx_number_atoms_nucleic_acid   0 
_refine_hist.pdbx_number_atoms_ligand         0 
_refine_hist.number_atoms_solvent             14 
_refine_hist.number_atoms_total               651 
_refine_hist.d_res_high                       2.30 
_refine_hist.d_res_low                        19.40 
# 
loop_
_refine_ls_restr.type 
_refine_ls_restr.dev_ideal 
_refine_ls_restr.dev_ideal_target 
_refine_ls_restr.weight 
_refine_ls_restr.number 
_refine_ls_restr.pdbx_refine_id 
_refine_ls_restr.pdbx_restraint_function 
r_bond_refined_d         0.011  0.021  ? 646 'X-RAY DIFFRACTION' ? 
r_angle_refined_deg      2.139  1.962  ? 876 'X-RAY DIFFRACTION' ? 
r_dihedral_angle_1_deg   8.947  5.000  ? 83  'X-RAY DIFFRACTION' ? 
r_dihedral_angle_2_deg   36.118 24.516 ? 31  'X-RAY DIFFRACTION' ? 
r_dihedral_angle_3_deg   19.636 15.000 ? 110 'X-RAY DIFFRACTION' ? 
r_dihedral_angle_4_deg   18.272 15.000 ? 6   'X-RAY DIFFRACTION' ? 
r_chiral_restr           0.144  0.200  ? 102 'X-RAY DIFFRACTION' ? 
r_gen_planes_refined     0.004  0.020  ? 493 'X-RAY DIFFRACTION' ? 
r_nbd_refined            0.274  0.200  ? 281 'X-RAY DIFFRACTION' ? 
r_nbtor_refined          0.307  0.200  ? 413 'X-RAY DIFFRACTION' ? 
r_xyhbond_nbd_refined    0.108  0.200  ? 21  'X-RAY DIFFRACTION' ? 
r_symmetry_vdw_refined   0.203  0.200  ? 33  'X-RAY DIFFRACTION' ? 
r_symmetry_hbond_refined 0.357  0.200  ? 6   'X-RAY DIFFRACTION' ? 
r_mcbond_it              0.739  1.500  ? 429 'X-RAY DIFFRACTION' ? 
r_mcangle_it             1.254  2.000  ? 667 'X-RAY DIFFRACTION' ? 
r_scbond_it              1.109  3.000  ? 236 'X-RAY DIFFRACTION' ? 
r_scangle_it             1.854  4.500  ? 209 'X-RAY DIFFRACTION' ? 
# 
_refine_ls_shell.pdbx_total_number_of_bins_used   20 
_refine_ls_shell.d_res_high                       2.305 
_refine_ls_shell.d_res_low                        2.364 
_refine_ls_shell.number_reflns_R_work             137 
_refine_ls_shell.R_factor_R_work                  0.261 
_refine_ls_shell.percent_reflns_obs               100.00 
_refine_ls_shell.R_factor_R_free                  0.347 
_refine_ls_shell.R_factor_R_free_error            ? 
_refine_ls_shell.percent_reflns_R_free            ? 
_refine_ls_shell.number_reflns_R_free             12 
_refine_ls_shell.number_reflns_all                ? 
_refine_ls_shell.R_factor_all                     ? 
_refine_ls_shell.number_reflns_obs                ? 
_refine_ls_shell.redundancy_reflns_obs            ? 
_refine_ls_shell.pdbx_refine_id                   'X-RAY DIFFRACTION' 
# 
_struct.entry_id                  2FGG 
_struct.title                     'Crystal Structure of Rv2632c' 
_struct.pdbx_model_details        ? 
_struct.pdbx_CASP_flag            ? 
_struct.pdbx_model_type_details   ? 
# 
_struct_keywords.entry_id        2FGG 
_struct_keywords.pdbx_keywords   'STRUCTURAL GENOMICS, UNKNOWN FUNCTION' 
_struct_keywords.text            
;Rv2632c, TB target, Structural Genomics, PSI, Protein Structure Initiative, TB Structural Genomics Consortium, TBSGC, UNKNOWN FUNCTION
;
# 
loop_
_struct_asym.id 
_struct_asym.pdbx_blank_PDB_chainid_flag 
_struct_asym.pdbx_modified 
_struct_asym.entity_id 
_struct_asym.details 
A N N 1 ? 
B N N 2 ? 
# 
_struct_ref.id                         1 
_struct_ref.db_name                    UNP 
_struct_ref.db_code                    Y2632_MYCTU 
_struct_ref.pdbx_db_accession          P65033 
_struct_ref.entity_id                  1 
_struct_ref.pdbx_seq_one_letter_code   
;MTDSEHVGKTCQIDVLIEEHDERTRAKARLSWAGRQMVGVGLARLDPADEPVAQIGDELAIARALSDLANQLFALTSSDI
EASTHQPVTGLHH
;
_struct_ref.pdbx_align_begin           1 
_struct_ref.pdbx_db_isoform            ? 
# 
_struct_ref_seq.align_id                      1 
_struct_ref_seq.ref_id                        1 
_struct_ref_seq.pdbx_PDB_id_code              2FGG 
_struct_ref_seq.pdbx_strand_id                A 
_struct_ref_seq.seq_align_beg                 1 
_struct_ref_seq.pdbx_seq_align_beg_ins_code   ? 
_struct_ref_seq.seq_align_end                 93 
_struct_ref_seq.pdbx_seq_align_end_ins_code   ? 
_struct_ref_seq.pdbx_db_accession             P65033 
_struct_ref_seq.db_align_beg                  1 
_struct_ref_seq.pdbx_db_align_beg_ins_code    ? 
_struct_ref_seq.db_align_end                  93 
_struct_ref_seq.pdbx_db_align_end_ins_code    ? 
_struct_ref_seq.pdbx_auth_seq_align_beg       1 
_struct_ref_seq.pdbx_auth_seq_align_end       93 
# 
loop_
_struct_ref_seq_dif.align_id 
_struct_ref_seq_dif.pdbx_pdb_id_code 
_struct_ref_seq_dif.mon_id 
_struct_ref_seq_dif.pdbx_pdb_strand_id 
_struct_ref_seq_dif.seq_num 
_struct_ref_seq_dif.pdbx_pdb_ins_code 
_struct_ref_seq_dif.pdbx_seq_db_name 
_struct_ref_seq_dif.pdbx_seq_db_accession_code 
_struct_ref_seq_dif.db_mon_id 
_struct_ref_seq_dif.pdbx_seq_db_seq_num 
_struct_ref_seq_dif.details 
_struct_ref_seq_dif.pdbx_auth_seq_num 
_struct_ref_seq_dif.pdbx_ordinal 
1 2FGG MSE A 1   ? UNP P65033 MET 1  'modified residue' 1   1  
1 2FGG MSE A 37  ? UNP P65033 MET 37 'modified residue' 37  2  
1 2FGG ARG A 94  ? UNP P65033 ?   ?  'expression tag'   94  3  
1 2FGG SER A 95  ? UNP P65033 ?   ?  'expression tag'   95  4  
1 2FGG HIS A 96  ? UNP P65033 ?   ?  'expression tag'   96  5  
1 2FGG HIS A 97  ? UNP P65033 ?   ?  'expression tag'   97  6  
1 2FGG HIS A 98  ? UNP P65033 ?   ?  'expression tag'   98  7  
1 2FGG HIS A 99  ? UNP P65033 ?   ?  'expression tag'   99  8  
1 2FGG HIS A 100 ? UNP P65033 ?   ?  'expression tag'   100 9  
1 2FGG HIS A 101 ? UNP P65033 ?   ?  'expression tag'   101 10 
# 
loop_
_pdbx_struct_assembly.id 
_pdbx_struct_assembly.details 
_pdbx_struct_assembly.method_details 
_pdbx_struct_assembly.oligomeric_details 
_pdbx_struct_assembly.oligomeric_count 
1 author_defined_assembly   ?        monomeric 1 
2 software_defined_assembly PISA,PQS dimeric   2 
# 
loop_
_pdbx_struct_assembly_prop.biol_id 
_pdbx_struct_assembly_prop.type 
_pdbx_struct_assembly_prop.value 
_pdbx_struct_assembly_prop.details 
2 'ABSA (A^2)' 3370 ? 
2 MORE         -23  ? 
2 'SSA (A^2)'  9250 ? 
# 
loop_
_pdbx_struct_assembly_gen.assembly_id 
_pdbx_struct_assembly_gen.oper_expression 
_pdbx_struct_assembly_gen.asym_id_list 
1 1   A,B 
2 1,2 A,B 
# 
loop_
_pdbx_struct_oper_list.id 
_pdbx_struct_oper_list.type 
_pdbx_struct_oper_list.name 
_pdbx_struct_oper_list.symmetry_operation 
_pdbx_struct_oper_list.matrix[1][1] 
_pdbx_struct_oper_list.matrix[1][2] 
_pdbx_struct_oper_list.matrix[1][3] 
_pdbx_struct_oper_list.vector[1] 
_pdbx_struct_oper_list.matrix[2][1] 
_pdbx_struct_oper_list.matrix[2][2] 
_pdbx_struct_oper_list.matrix[2][3] 
_pdbx_struct_oper_list.vector[2] 
_pdbx_struct_oper_list.matrix[3][1] 
_pdbx_struct_oper_list.matrix[3][2] 
_pdbx_struct_oper_list.matrix[3][3] 
_pdbx_struct_oper_list.vector[3] 
1 'identity operation'         1_555 x,y,z       1.0000000000  0.0000000000  0.0000000000  0.0000000000 0.0000000000  1.0000000000 0.0000000000 0.0000000000  0.0000000000  0.0000000000 1.0000000000  0.0000000000 
2 'crystal symmetry operation' 6_555 -x,-y+1/2,z -0.9921123564 -0.1054849549 -0.0677199861 5.9947733852 -0.1054849549 0.4106970738 0.9056494012 -3.6658951671 -0.0677199861 0.9056494012 -0.4185847173 6.4084688596 
# 
_struct_biol.id   1 
# 
_struct_conf.conf_type_id            HELX_P 
_struct_conf.id                      HELX_P1 
_struct_conf.pdbx_PDB_helix_id       1 
_struct_conf.beg_label_comp_id       ALA 
_struct_conf.beg_label_asym_id       A 
_struct_conf.beg_label_seq_id        53 
_struct_conf.pdbx_beg_PDB_ins_code   ? 
_struct_conf.end_label_comp_id       THR 
_struct_conf.end_label_asym_id       A 
_struct_conf.end_label_seq_id        84 
_struct_conf.pdbx_end_PDB_ins_code   ? 
_struct_conf.beg_auth_comp_id        ALA 
_struct_conf.beg_auth_asym_id        A 
_struct_conf.beg_auth_seq_id         53 
_struct_conf.end_auth_comp_id        THR 
_struct_conf.end_auth_asym_id        A 
_struct_conf.end_auth_seq_id         84 
_struct_conf.pdbx_PDB_helix_class    1 
_struct_conf.details                 ? 
_struct_conf.pdbx_PDB_helix_length   32 
# 
_struct_conf_type.id          HELX_P 
_struct_conf_type.criteria    ? 
_struct_conf_type.reference   ? 
# 
loop_
_struct_conn.id 
_struct_conn.conn_type_id 
_struct_conn.pdbx_leaving_atom_flag 
_struct_conn.pdbx_PDB_id 
_struct_conn.ptnr1_label_asym_id 
_struct_conn.ptnr1_label_comp_id 
_struct_conn.ptnr1_label_seq_id 
_struct_conn.ptnr1_label_atom_id 
_struct_conn.pdbx_ptnr1_label_alt_id 
_struct_conn.pdbx_ptnr1_PDB_ins_code 
_struct_conn.pdbx_ptnr1_standard_comp_id 
_struct_conn.ptnr1_symmetry 
_struct_conn.ptnr2_label_asym_id 
_struct_conn.ptnr2_label_comp_id 
_struct_conn.ptnr2_label_seq_id 
_struct_conn.ptnr2_label_atom_id 
_struct_conn.pdbx_ptnr2_label_alt_id 
_struct_conn.pdbx_ptnr2_PDB_ins_code 
_struct_conn.ptnr1_auth_asym_id 
_struct_conn.ptnr1_auth_comp_id 
_struct_conn.ptnr1_auth_seq_id 
_struct_conn.ptnr2_auth_asym_id 
_struct_conn.ptnr2_auth_comp_id 
_struct_conn.ptnr2_auth_seq_id 
_struct_conn.ptnr2_symmetry 
_struct_conn.pdbx_ptnr3_label_atom_id 
_struct_conn.pdbx_ptnr3_label_seq_id 
_struct_conn.pdbx_ptnr3_label_comp_id 
_struct_conn.pdbx_ptnr3_label_asym_id 
_struct_conn.pdbx_ptnr3_label_alt_id 
_struct_conn.pdbx_ptnr3_PDB_ins_code 
_struct_conn.details 
_struct_conn.pdbx_dist_value 
_struct_conn.pdbx_value_order 
_struct_conn.pdbx_role 
covale1 covale both ? A GLN 36 C ? ? ? 1_555 A MSE 37 N ? ? A GLN 36 A MSE 37 1_555 ? ? ? ? ? ? ? 1.318 ? ? 
covale2 covale both ? A MSE 37 C ? ? ? 1_555 A VAL 38 N ? ? A MSE 37 A VAL 38 1_555 ? ? ? ? ? ? ? 1.327 ? ? 
# 
_struct_conn_type.id          covale 
_struct_conn_type.criteria    ? 
_struct_conn_type.reference   ? 
# 
_pdbx_modification_feature.ordinal                            1 
_pdbx_modification_feature.label_comp_id                      MSE 
_pdbx_modification_feature.label_asym_id                      A 
_pdbx_modification_feature.label_seq_id                       37 
_pdbx_modification_feature.label_alt_id                       ? 
_pdbx_modification_feature.modified_residue_label_comp_id     . 
_pdbx_modification_feature.modified_residue_label_asym_id     . 
_pdbx_modification_feature.modified_residue_label_seq_id      . 
_pdbx_modification_feature.modified_residue_label_alt_id      . 
_pdbx_modification_feature.auth_comp_id                       MSE 
_pdbx_modification_feature.auth_asym_id                       A 
_pdbx_modification_feature.auth_seq_id                        37 
_pdbx_modification_feature.PDB_ins_code                       ? 
_pdbx_modification_feature.symmetry                           1_555 
_pdbx_modification_feature.modified_residue_auth_comp_id      . 
_pdbx_modification_feature.modified_residue_auth_asym_id      . 
_pdbx_modification_feature.modified_residue_auth_seq_id       . 
_pdbx_modification_feature.modified_residue_PDB_ins_code      . 
_pdbx_modification_feature.modified_residue_symmetry          . 
_pdbx_modification_feature.comp_id_linking_atom               . 
_pdbx_modification_feature.modified_residue_id_linking_atom   . 
_pdbx_modification_feature.modified_residue_id                MET 
_pdbx_modification_feature.ref_pcm_id                         1 
_pdbx_modification_feature.ref_comp_id                        MSE 
_pdbx_modification_feature.type                               Selenomethionine 
_pdbx_modification_feature.category                           'Named protein modification' 
# 
loop_
_struct_mon_prot_cis.pdbx_id 
_struct_mon_prot_cis.label_comp_id 
_struct_mon_prot_cis.label_seq_id 
_struct_mon_prot_cis.label_asym_id 
_struct_mon_prot_cis.label_alt_id 
_struct_mon_prot_cis.pdbx_PDB_ins_code 
_struct_mon_prot_cis.auth_comp_id 
_struct_mon_prot_cis.auth_seq_id 
_struct_mon_prot_cis.auth_asym_id 
_struct_mon_prot_cis.pdbx_label_comp_id_2 
_struct_mon_prot_cis.pdbx_label_seq_id_2 
_struct_mon_prot_cis.pdbx_label_asym_id_2 
_struct_mon_prot_cis.pdbx_PDB_ins_code_2 
_struct_mon_prot_cis.pdbx_auth_comp_id_2 
_struct_mon_prot_cis.pdbx_auth_seq_id_2 
_struct_mon_prot_cis.pdbx_auth_asym_id_2 
_struct_mon_prot_cis.pdbx_PDB_model_num 
_struct_mon_prot_cis.pdbx_omega_angle 
1  SER 4  A . ? SER 4  A GLU 5  A ? GLU 5  A 1 0.54   
2  HIS 20 A . ? HIS 20 A ASP 21 A ? ASP 21 A 1 1.17   
3  ASP 21 A . ? ASP 21 A GLU 22 A ? GLU 22 A 1 16.41  
4  GLU 22 A . ? GLU 22 A ARG 23 A ? ARG 23 A 1 -9.87  
5  ALA 43 A . ? ALA 43 A ARG 44 A ? ARG 44 A 1 20.77  
6  LEU 45 A . ? LEU 45 A ASP 46 A ? ASP 46 A 1 -8.71  
7  ASP 46 A . ? ASP 46 A PRO 47 A ? PRO 47 A 1 -10.43 
8  PRO 47 A . ? PRO 47 A ALA 48 A ? ALA 48 A 1 4.47   
9  ALA 48 A . ? ALA 48 A ASP 49 A ? ASP 49 A 1 12.94  
10 ASP 49 A . ? ASP 49 A GLU 50 A ? GLU 50 A 1 -7.13  
11 GLU 50 A . ? GLU 50 A PRO 51 A ? PRO 51 A 1 -13.30 
12 PRO 51 A . ? PRO 51 A VAL 52 A ? VAL 52 A 1 -27.96 
13 THR 84 A . ? THR 84 A HIS 85 A ? HIS 85 A 1 19.73  
# 
_struct_sheet.id               A 
_struct_sheet.type             ? 
_struct_sheet.number_strands   3 
_struct_sheet.details          ? 
# 
loop_
_struct_sheet_order.sheet_id 
_struct_sheet_order.range_id_1 
_struct_sheet_order.range_id_2 
_struct_sheet_order.offset 
_struct_sheet_order.sense 
A 1 2 ? anti-parallel 
A 2 3 ? anti-parallel 
# 
loop_
_struct_sheet_range.sheet_id 
_struct_sheet_range.id 
_struct_sheet_range.beg_label_comp_id 
_struct_sheet_range.beg_label_asym_id 
_struct_sheet_range.beg_label_seq_id 
_struct_sheet_range.pdbx_beg_PDB_ins_code 
_struct_sheet_range.end_label_comp_id 
_struct_sheet_range.end_label_asym_id 
_struct_sheet_range.end_label_seq_id 
_struct_sheet_range.pdbx_end_PDB_ins_code 
_struct_sheet_range.beg_auth_comp_id 
_struct_sheet_range.beg_auth_asym_id 
_struct_sheet_range.beg_auth_seq_id 
_struct_sheet_range.end_auth_comp_id 
_struct_sheet_range.end_auth_asym_id 
_struct_sheet_range.end_auth_seq_id 
A 1 ASP A 14 ? GLU A 19 ? ASP A 14 GLU A 19 
A 2 THR A 24 ? TRP A 32 ? THR A 24 TRP A 32 
A 3 ARG A 35 ? ALA A 43 ? ARG A 35 ALA A 43 
# 
loop_
_pdbx_struct_sheet_hbond.sheet_id 
_pdbx_struct_sheet_hbond.range_id_1 
_pdbx_struct_sheet_hbond.range_id_2 
_pdbx_struct_sheet_hbond.range_1_label_atom_id 
_pdbx_struct_sheet_hbond.range_1_label_comp_id 
_pdbx_struct_sheet_hbond.range_1_label_asym_id 
_pdbx_struct_sheet_hbond.range_1_label_seq_id 
_pdbx_struct_sheet_hbond.range_1_PDB_ins_code 
_pdbx_struct_sheet_hbond.range_1_auth_atom_id 
_pdbx_struct_sheet_hbond.range_1_auth_comp_id 
_pdbx_struct_sheet_hbond.range_1_auth_asym_id 
_pdbx_struct_sheet_hbond.range_1_auth_seq_id 
_pdbx_struct_sheet_hbond.range_2_label_atom_id 
_pdbx_struct_sheet_hbond.range_2_label_comp_id 
_pdbx_struct_sheet_hbond.range_2_label_asym_id 
_pdbx_struct_sheet_hbond.range_2_label_seq_id 
_pdbx_struct_sheet_hbond.range_2_PDB_ins_code 
_pdbx_struct_sheet_hbond.range_2_auth_atom_id 
_pdbx_struct_sheet_hbond.range_2_auth_comp_id 
_pdbx_struct_sheet_hbond.range_2_auth_asym_id 
_pdbx_struct_sheet_hbond.range_2_auth_seq_id 
A 1 2 N GLU A 18 ? N GLU A 18 O ARG A 25 ? O ARG A 25 
A 2 3 N LEU A 30 ? N LEU A 30 O MSE A 37 ? O MSE A 37 
# 
_pdbx_entry_details.entry_id                   2FGG 
_pdbx_entry_details.compound_details           ? 
_pdbx_entry_details.source_details             ? 
_pdbx_entry_details.nonpolymer_details         ? 
_pdbx_entry_details.sequence_details           ? 
_pdbx_entry_details.has_ligand_of_interest     ? 
_pdbx_entry_details.has_protein_modification   Y 
# 
_pdbx_validate_symm_contact.id                1 
_pdbx_validate_symm_contact.PDB_model_num     1 
_pdbx_validate_symm_contact.auth_atom_id_1    O 
_pdbx_validate_symm_contact.auth_asym_id_1    A 
_pdbx_validate_symm_contact.auth_comp_id_1    HOH 
_pdbx_validate_symm_contact.auth_seq_id_1     106 
_pdbx_validate_symm_contact.PDB_ins_code_1    ? 
_pdbx_validate_symm_contact.label_alt_id_1    ? 
_pdbx_validate_symm_contact.site_symmetry_1   1_555 
_pdbx_validate_symm_contact.auth_atom_id_2    O 
_pdbx_validate_symm_contact.auth_asym_id_2    A 
_pdbx_validate_symm_contact.auth_comp_id_2    HOH 
_pdbx_validate_symm_contact.auth_seq_id_2     107 
_pdbx_validate_symm_contact.PDB_ins_code_2    ? 
_pdbx_validate_symm_contact.label_alt_id_2    ? 
_pdbx_validate_symm_contact.site_symmetry_2   8_565 
_pdbx_validate_symm_contact.dist              2.01 
# 
loop_
_pdbx_validate_torsion.id 
_pdbx_validate_torsion.PDB_model_num 
_pdbx_validate_torsion.auth_comp_id 
_pdbx_validate_torsion.auth_asym_id 
_pdbx_validate_torsion.auth_seq_id 
_pdbx_validate_torsion.PDB_ins_code 
_pdbx_validate_torsion.label_alt_id 
_pdbx_validate_torsion.phi 
_pdbx_validate_torsion.psi 
1 1 ARG A 23 ? ? 142.42  55.60   
2 1 ARG A 44 ? ? 117.99  -126.07 
3 1 LEU A 45 ? ? 13.24   106.87  
4 1 ASP A 46 ? ? 176.31  22.85   
5 1 ALA A 48 ? ? 74.88   99.91   
6 1 PRO A 51 ? ? -71.82  -79.48  
7 1 VAL A 52 ? ? 62.50   99.81   
8 1 ALA A 53 ? ? 101.07  -83.91  
9 1 GLN A 86 ? ? -153.64 77.27   
# 
_pdbx_validate_peptide_omega.id               1 
_pdbx_validate_peptide_omega.PDB_model_num    1 
_pdbx_validate_peptide_omega.auth_comp_id_1   VAL 
_pdbx_validate_peptide_omega.auth_asym_id_1   A 
_pdbx_validate_peptide_omega.auth_seq_id_1    52 
_pdbx_validate_peptide_omega.PDB_ins_code_1   ? 
_pdbx_validate_peptide_omega.label_alt_id_1   ? 
_pdbx_validate_peptide_omega.auth_comp_id_2   ALA 
_pdbx_validate_peptide_omega.auth_asym_id_2   A 
_pdbx_validate_peptide_omega.auth_seq_id_2    53 
_pdbx_validate_peptide_omega.PDB_ins_code_2   ? 
_pdbx_validate_peptide_omega.label_alt_id_2   ? 
_pdbx_validate_peptide_omega.omega            33.05 
# 
_pdbx_SG_project.id                    1 
_pdbx_SG_project.project_name          'PSI, Protein Structure Initiative' 
_pdbx_SG_project.full_name_of_center   'TB Structural Genomics Consortium' 
_pdbx_SG_project.initial_of_center     TBSGC 
# 
_pdbx_struct_mod_residue.id               1 
_pdbx_struct_mod_residue.label_asym_id    A 
_pdbx_struct_mod_residue.label_comp_id    MSE 
_pdbx_struct_mod_residue.label_seq_id     37 
_pdbx_struct_mod_residue.auth_asym_id     A 
_pdbx_struct_mod_residue.auth_comp_id     MSE 
_pdbx_struct_mod_residue.auth_seq_id      37 
_pdbx_struct_mod_residue.PDB_ins_code     ? 
_pdbx_struct_mod_residue.parent_comp_id   MET 
_pdbx_struct_mod_residue.details          SELENOMETHIONINE 
# 
_pdbx_refine_tls.id               1 
_pdbx_refine_tls.details          ? 
_pdbx_refine_tls.method           refined 
_pdbx_refine_tls.origin_x         -0.0212 
_pdbx_refine_tls.origin_y         0.0041 
_pdbx_refine_tls.origin_z         -0.0529 
_pdbx_refine_tls.T[1][1]          -0.2876 
_pdbx_refine_tls.T[2][2]          -0.2611 
_pdbx_refine_tls.T[3][3]          -0.3503 
_pdbx_refine_tls.T[1][2]          0.0553 
_pdbx_refine_tls.T[1][3]          -0.1516 
_pdbx_refine_tls.T[2][3]          -0.0325 
_pdbx_refine_tls.L[1][1]          8.6864 
_pdbx_refine_tls.L[2][2]          4.2608 
_pdbx_refine_tls.L[3][3]          4.7394 
_pdbx_refine_tls.L[1][2]          -1.1143 
_pdbx_refine_tls.L[1][3]          -1.7395 
_pdbx_refine_tls.L[2][3]          2.1361 
_pdbx_refine_tls.S[1][1]          -0.0301 
_pdbx_refine_tls.S[1][2]          0.8663 
_pdbx_refine_tls.S[1][3]          -0.2811 
_pdbx_refine_tls.S[2][1]          -0.2441 
_pdbx_refine_tls.S[2][2]          0.0521 
_pdbx_refine_tls.S[2][3]          0.1842 
_pdbx_refine_tls.S[3][1]          -0.1697 
_pdbx_refine_tls.S[3][2]          -0.1104 
_pdbx_refine_tls.S[3][3]          -0.0219 
_pdbx_refine_tls.pdbx_refine_id   'X-RAY DIFFRACTION' 
# 
_pdbx_refine_tls_group.id                  1 
_pdbx_refine_tls_group.refine_tls_id       1 
_pdbx_refine_tls_group.beg_auth_asym_id    A 
_pdbx_refine_tls_group.beg_auth_seq_id     4 
_pdbx_refine_tls_group.beg_label_asym_id   A 
_pdbx_refine_tls_group.beg_label_seq_id    4 
_pdbx_refine_tls_group.end_auth_asym_id    A 
_pdbx_refine_tls_group.end_auth_seq_id     87 
_pdbx_refine_tls_group.end_label_asym_id   A 
_pdbx_refine_tls_group.end_label_seq_id    87 
_pdbx_refine_tls_group.selection           ? 
_pdbx_refine_tls_group.pdbx_refine_id      'X-RAY DIFFRACTION' 
_pdbx_refine_tls_group.selection_details   ? 
# 
loop_
_pdbx_unobs_or_zero_occ_residues.id 
_pdbx_unobs_or_zero_occ_residues.PDB_model_num 
_pdbx_unobs_or_zero_occ_residues.polymer_flag 
_pdbx_unobs_or_zero_occ_residues.occupancy_flag 
_pdbx_unobs_or_zero_occ_residues.auth_asym_id 
_pdbx_unobs_or_zero_occ_residues.auth_comp_id 
_pdbx_unobs_or_zero_occ_residues.auth_seq_id 
_pdbx_unobs_or_zero_occ_residues.PDB_ins_code 
_pdbx_unobs_or_zero_occ_residues.label_asym_id 
_pdbx_unobs_or_zero_occ_residues.label_comp_id 
_pdbx_unobs_or_zero_occ_residues.label_seq_id 
1  1 Y 1 A MSE 1   ? A MSE 1   
2  1 Y 1 A THR 2   ? A THR 2   
3  1 Y 1 A ASP 3   ? A ASP 3   
4  1 Y 1 A VAL 88  ? A VAL 88  
5  1 Y 1 A THR 89  ? A THR 89  
6  1 Y 1 A GLY 90  ? A GLY 90  
7  1 Y 1 A LEU 91  ? A LEU 91  
8  1 Y 1 A HIS 92  ? A HIS 92  
9  1 Y 1 A HIS 93  ? A HIS 93  
10 1 Y 1 A ARG 94  ? A ARG 94  
11 1 Y 1 A SER 95  ? A SER 95  
12 1 Y 1 A HIS 96  ? A HIS 96  
13 1 Y 1 A HIS 97  ? A HIS 97  
14 1 Y 1 A HIS 98  ? A HIS 98  
15 1 Y 1 A HIS 99  ? A HIS 99  
16 1 Y 1 A HIS 100 ? A HIS 100 
17 1 Y 1 A HIS 101 ? A HIS 101 
# 
loop_
_chem_comp_atom.comp_id 
_chem_comp_atom.atom_id 
_chem_comp_atom.type_symbol 
_chem_comp_atom.pdbx_aromatic_flag 
_chem_comp_atom.pdbx_stereo_config 
_chem_comp_atom.pdbx_ordinal 
ALA N    N  N N 1   
ALA CA   C  N S 2   
ALA C    C  N N 3   
ALA O    O  N N 4   
ALA CB   C  N N 5   
ALA OXT  O  N N 6   
ALA H    H  N N 7   
ALA H2   H  N N 8   
ALA HA   H  N N 9   
ALA HB1  H  N N 10  
ALA HB2  H  N N 11  
ALA HB3  H  N N 12  
ALA HXT  H  N N 13  
ARG N    N  N N 14  
ARG CA   C  N S 15  
ARG C    C  N N 16  
ARG O    O  N N 17  
ARG CB   C  N N 18  
ARG CG   C  N N 19  
ARG CD   C  N N 20  
ARG NE   N  N N 21  
ARG CZ   C  N N 22  
ARG NH1  N  N N 23  
ARG NH2  N  N N 24  
ARG OXT  O  N N 25  
ARG H    H  N N 26  
ARG H2   H  N N 27  
ARG HA   H  N N 28  
ARG HB2  H  N N 29  
ARG HB3  H  N N 30  
ARG HG2  H  N N 31  
ARG HG3  H  N N 32  
ARG HD2  H  N N 33  
ARG HD3  H  N N 34  
ARG HE   H  N N 35  
ARG HH11 H  N N 36  
ARG HH12 H  N N 37  
ARG HH21 H  N N 38  
ARG HH22 H  N N 39  
ARG HXT  H  N N 40  
ASN N    N  N N 41  
ASN CA   C  N S 42  
ASN C    C  N N 43  
ASN O    O  N N 44  
ASN CB   C  N N 45  
ASN CG   C  N N 46  
ASN OD1  O  N N 47  
ASN ND2  N  N N 48  
ASN OXT  O  N N 49  
ASN H    H  N N 50  
ASN H2   H  N N 51  
ASN HA   H  N N 52  
ASN HB2  H  N N 53  
ASN HB3  H  N N 54  
ASN HD21 H  N N 55  
ASN HD22 H  N N 56  
ASN HXT  H  N N 57  
ASP N    N  N N 58  
ASP CA   C  N S 59  
ASP C    C  N N 60  
ASP O    O  N N 61  
ASP CB   C  N N 62  
ASP CG   C  N N 63  
ASP OD1  O  N N 64  
ASP OD2  O  N N 65  
ASP OXT  O  N N 66  
ASP H    H  N N 67  
ASP H2   H  N N 68  
ASP HA   H  N N 69  
ASP HB2  H  N N 70  
ASP HB3  H  N N 71  
ASP HD2  H  N N 72  
ASP HXT  H  N N 73  
CYS N    N  N N 74  
CYS CA   C  N R 75  
CYS C    C  N N 76  
CYS O    O  N N 77  
CYS CB   C  N N 78  
CYS SG   S  N N 79  
CYS OXT  O  N N 80  
CYS H    H  N N 81  
CYS H2   H  N N 82  
CYS HA   H  N N 83  
CYS HB2  H  N N 84  
CYS HB3  H  N N 85  
CYS HG   H  N N 86  
CYS HXT  H  N N 87  
GLN N    N  N N 88  
GLN CA   C  N S 89  
GLN C    C  N N 90  
GLN O    O  N N 91  
GLN CB   C  N N 92  
GLN CG   C  N N 93  
GLN CD   C  N N 94  
GLN OE1  O  N N 95  
GLN NE2  N  N N 96  
GLN OXT  O  N N 97  
GLN H    H  N N 98  
GLN H2   H  N N 99  
GLN HA   H  N N 100 
GLN HB2  H  N N 101 
GLN HB3  H  N N 102 
GLN HG2  H  N N 103 
GLN HG3  H  N N 104 
GLN HE21 H  N N 105 
GLN HE22 H  N N 106 
GLN HXT  H  N N 107 
GLU N    N  N N 108 
GLU CA   C  N S 109 
GLU C    C  N N 110 
GLU O    O  N N 111 
GLU CB   C  N N 112 
GLU CG   C  N N 113 
GLU CD   C  N N 114 
GLU OE1  O  N N 115 
GLU OE2  O  N N 116 
GLU OXT  O  N N 117 
GLU H    H  N N 118 
GLU H2   H  N N 119 
GLU HA   H  N N 120 
GLU HB2  H  N N 121 
GLU HB3  H  N N 122 
GLU HG2  H  N N 123 
GLU HG3  H  N N 124 
GLU HE2  H  N N 125 
GLU HXT  H  N N 126 
GLY N    N  N N 127 
GLY CA   C  N N 128 
GLY C    C  N N 129 
GLY O    O  N N 130 
GLY OXT  O  N N 131 
GLY H    H  N N 132 
GLY H2   H  N N 133 
GLY HA2  H  N N 134 
GLY HA3  H  N N 135 
GLY HXT  H  N N 136 
HIS N    N  N N 137 
HIS CA   C  N S 138 
HIS C    C  N N 139 
HIS O    O  N N 140 
HIS CB   C  N N 141 
HIS CG   C  Y N 142 
HIS ND1  N  Y N 143 
HIS CD2  C  Y N 144 
HIS CE1  C  Y N 145 
HIS NE2  N  Y N 146 
HIS OXT  O  N N 147 
HIS H    H  N N 148 
HIS H2   H  N N 149 
HIS HA   H  N N 150 
HIS HB2  H  N N 151 
HIS HB3  H  N N 152 
HIS HD1  H  N N 153 
HIS HD2  H  N N 154 
HIS HE1  H  N N 155 
HIS HE2  H  N N 156 
HIS HXT  H  N N 157 
HOH O    O  N N 158 
HOH H1   H  N N 159 
HOH H2   H  N N 160 
ILE N    N  N N 161 
ILE CA   C  N S 162 
ILE C    C  N N 163 
ILE O    O  N N 164 
ILE CB   C  N S 165 
ILE CG1  C  N N 166 
ILE CG2  C  N N 167 
ILE CD1  C  N N 168 
ILE OXT  O  N N 169 
ILE H    H  N N 170 
ILE H2   H  N N 171 
ILE HA   H  N N 172 
ILE HB   H  N N 173 
ILE HG12 H  N N 174 
ILE HG13 H  N N 175 
ILE HG21 H  N N 176 
ILE HG22 H  N N 177 
ILE HG23 H  N N 178 
ILE HD11 H  N N 179 
ILE HD12 H  N N 180 
ILE HD13 H  N N 181 
ILE HXT  H  N N 182 
LEU N    N  N N 183 
LEU CA   C  N S 184 
LEU C    C  N N 185 
LEU O    O  N N 186 
LEU CB   C  N N 187 
LEU CG   C  N N 188 
LEU CD1  C  N N 189 
LEU CD2  C  N N 190 
LEU OXT  O  N N 191 
LEU H    H  N N 192 
LEU H2   H  N N 193 
LEU HA   H  N N 194 
LEU HB2  H  N N 195 
LEU HB3  H  N N 196 
LEU HG   H  N N 197 
LEU HD11 H  N N 198 
LEU HD12 H  N N 199 
LEU HD13 H  N N 200 
LEU HD21 H  N N 201 
LEU HD22 H  N N 202 
LEU HD23 H  N N 203 
LEU HXT  H  N N 204 
LYS N    N  N N 205 
LYS CA   C  N S 206 
LYS C    C  N N 207 
LYS O    O  N N 208 
LYS CB   C  N N 209 
LYS CG   C  N N 210 
LYS CD   C  N N 211 
LYS CE   C  N N 212 
LYS NZ   N  N N 213 
LYS OXT  O  N N 214 
LYS H    H  N N 215 
LYS H2   H  N N 216 
LYS HA   H  N N 217 
LYS HB2  H  N N 218 
LYS HB3  H  N N 219 
LYS HG2  H  N N 220 
LYS HG3  H  N N 221 
LYS HD2  H  N N 222 
LYS HD3  H  N N 223 
LYS HE2  H  N N 224 
LYS HE3  H  N N 225 
LYS HZ1  H  N N 226 
LYS HZ2  H  N N 227 
LYS HZ3  H  N N 228 
LYS HXT  H  N N 229 
MET N    N  N N 230 
MET CA   C  N S 231 
MET C    C  N N 232 
MET O    O  N N 233 
MET CB   C  N N 234 
MET CG   C  N N 235 
MET SD   S  N N 236 
MET CE   C  N N 237 
MET OXT  O  N N 238 
MET H    H  N N 239 
MET H2   H  N N 240 
MET HA   H  N N 241 
MET HB2  H  N N 242 
MET HB3  H  N N 243 
MET HG2  H  N N 244 
MET HG3  H  N N 245 
MET HE1  H  N N 246 
MET HE2  H  N N 247 
MET HE3  H  N N 248 
MET HXT  H  N N 249 
MSE N    N  N N 250 
MSE CA   C  N S 251 
MSE C    C  N N 252 
MSE O    O  N N 253 
MSE OXT  O  N N 254 
MSE CB   C  N N 255 
MSE CG   C  N N 256 
MSE SE   SE N N 257 
MSE CE   C  N N 258 
MSE H    H  N N 259 
MSE H2   H  N N 260 
MSE HA   H  N N 261 
MSE HXT  H  N N 262 
MSE HB2  H  N N 263 
MSE HB3  H  N N 264 
MSE HG2  H  N N 265 
MSE HG3  H  N N 266 
MSE HE1  H  N N 267 
MSE HE2  H  N N 268 
MSE HE3  H  N N 269 
PHE N    N  N N 270 
PHE CA   C  N S 271 
PHE C    C  N N 272 
PHE O    O  N N 273 
PHE CB   C  N N 274 
PHE CG   C  Y N 275 
PHE CD1  C  Y N 276 
PHE CD2  C  Y N 277 
PHE CE1  C  Y N 278 
PHE CE2  C  Y N 279 
PHE CZ   C  Y N 280 
PHE OXT  O  N N 281 
PHE H    H  N N 282 
PHE H2   H  N N 283 
PHE HA   H  N N 284 
PHE HB2  H  N N 285 
PHE HB3  H  N N 286 
PHE HD1  H  N N 287 
PHE HD2  H  N N 288 
PHE HE1  H  N N 289 
PHE HE2  H  N N 290 
PHE HZ   H  N N 291 
PHE HXT  H  N N 292 
PRO N    N  N N 293 
PRO CA   C  N S 294 
PRO C    C  N N 295 
PRO O    O  N N 296 
PRO CB   C  N N 297 
PRO CG   C  N N 298 
PRO CD   C  N N 299 
PRO OXT  O  N N 300 
PRO H    H  N N 301 
PRO HA   H  N N 302 
PRO HB2  H  N N 303 
PRO HB3  H  N N 304 
PRO HG2  H  N N 305 
PRO HG3  H  N N 306 
PRO HD2  H  N N 307 
PRO HD3  H  N N 308 
PRO HXT  H  N N 309 
SER N    N  N N 310 
SER CA   C  N S 311 
SER C    C  N N 312 
SER O    O  N N 313 
SER CB   C  N N 314 
SER OG   O  N N 315 
SER OXT  O  N N 316 
SER H    H  N N 317 
SER H2   H  N N 318 
SER HA   H  N N 319 
SER HB2  H  N N 320 
SER HB3  H  N N 321 
SER HG   H  N N 322 
SER HXT  H  N N 323 
THR N    N  N N 324 
THR CA   C  N S 325 
THR C    C  N N 326 
THR O    O  N N 327 
THR CB   C  N R 328 
THR OG1  O  N N 329 
THR CG2  C  N N 330 
THR OXT  O  N N 331 
THR H    H  N N 332 
THR H2   H  N N 333 
THR HA   H  N N 334 
THR HB   H  N N 335 
THR HG1  H  N N 336 
THR HG21 H  N N 337 
THR HG22 H  N N 338 
THR HG23 H  N N 339 
THR HXT  H  N N 340 
TRP N    N  N N 341 
TRP CA   C  N S 342 
TRP C    C  N N 343 
TRP O    O  N N 344 
TRP CB   C  N N 345 
TRP CG   C  Y N 346 
TRP CD1  C  Y N 347 
TRP CD2  C  Y N 348 
TRP NE1  N  Y N 349 
TRP CE2  C  Y N 350 
TRP CE3  C  Y N 351 
TRP CZ2  C  Y N 352 
TRP CZ3  C  Y N 353 
TRP CH2  C  Y N 354 
TRP OXT  O  N N 355 
TRP H    H  N N 356 
TRP H2   H  N N 357 
TRP HA   H  N N 358 
TRP HB2  H  N N 359 
TRP HB3  H  N N 360 
TRP HD1  H  N N 361 
TRP HE1  H  N N 362 
TRP HE3  H  N N 363 
TRP HZ2  H  N N 364 
TRP HZ3  H  N N 365 
TRP HH2  H  N N 366 
TRP HXT  H  N N 367 
VAL N    N  N N 368 
VAL CA   C  N S 369 
VAL C    C  N N 370 
VAL O    O  N N 371 
VAL CB   C  N N 372 
VAL CG1  C  N N 373 
VAL CG2  C  N N 374 
VAL OXT  O  N N 375 
VAL H    H  N N 376 
VAL H2   H  N N 377 
VAL HA   H  N N 378 
VAL HB   H  N N 379 
VAL HG11 H  N N 380 
VAL HG12 H  N N 381 
VAL HG13 H  N N 382 
VAL HG21 H  N N 383 
VAL HG22 H  N N 384 
VAL HG23 H  N N 385 
VAL HXT  H  N N 386 
# 
loop_
_chem_comp_bond.comp_id 
_chem_comp_bond.atom_id_1 
_chem_comp_bond.atom_id_2 
_chem_comp_bond.value_order 
_chem_comp_bond.pdbx_aromatic_flag 
_chem_comp_bond.pdbx_stereo_config 
_chem_comp_bond.pdbx_ordinal 
ALA N   CA   sing N N 1   
ALA N   H    sing N N 2   
ALA N   H2   sing N N 3   
ALA CA  C    sing N N 4   
ALA CA  CB   sing N N 5   
ALA CA  HA   sing N N 6   
ALA C   O    doub N N 7   
ALA C   OXT  sing N N 8   
ALA CB  HB1  sing N N 9   
ALA CB  HB2  sing N N 10  
ALA CB  HB3  sing N N 11  
ALA OXT HXT  sing N N 12  
ARG N   CA   sing N N 13  
ARG N   H    sing N N 14  
ARG N   H2   sing N N 15  
ARG CA  C    sing N N 16  
ARG CA  CB   sing N N 17  
ARG CA  HA   sing N N 18  
ARG C   O    doub N N 19  
ARG C   OXT  sing N N 20  
ARG CB  CG   sing N N 21  
ARG CB  HB2  sing N N 22  
ARG CB  HB3  sing N N 23  
ARG CG  CD   sing N N 24  
ARG CG  HG2  sing N N 25  
ARG CG  HG3  sing N N 26  
ARG CD  NE   sing N N 27  
ARG CD  HD2  sing N N 28  
ARG CD  HD3  sing N N 29  
ARG NE  CZ   sing N N 30  
ARG NE  HE   sing N N 31  
ARG CZ  NH1  sing N N 32  
ARG CZ  NH2  doub N N 33  
ARG NH1 HH11 sing N N 34  
ARG NH1 HH12 sing N N 35  
ARG NH2 HH21 sing N N 36  
ARG NH2 HH22 sing N N 37  
ARG OXT HXT  sing N N 38  
ASN N   CA   sing N N 39  
ASN N   H    sing N N 40  
ASN N   H2   sing N N 41  
ASN CA  C    sing N N 42  
ASN CA  CB   sing N N 43  
ASN CA  HA   sing N N 44  
ASN C   O    doub N N 45  
ASN C   OXT  sing N N 46  
ASN CB  CG   sing N N 47  
ASN CB  HB2  sing N N 48  
ASN CB  HB3  sing N N 49  
ASN CG  OD1  doub N N 50  
ASN CG  ND2  sing N N 51  
ASN ND2 HD21 sing N N 52  
ASN ND2 HD22 sing N N 53  
ASN OXT HXT  sing N N 54  
ASP N   CA   sing N N 55  
ASP N   H    sing N N 56  
ASP N   H2   sing N N 57  
ASP CA  C    sing N N 58  
ASP CA  CB   sing N N 59  
ASP CA  HA   sing N N 60  
ASP C   O    doub N N 61  
ASP C   OXT  sing N N 62  
ASP CB  CG   sing N N 63  
ASP CB  HB2  sing N N 64  
ASP CB  HB3  sing N N 65  
ASP CG  OD1  doub N N 66  
ASP CG  OD2  sing N N 67  
ASP OD2 HD2  sing N N 68  
ASP OXT HXT  sing N N 69  
CYS N   CA   sing N N 70  
CYS N   H    sing N N 71  
CYS N   H2   sing N N 72  
CYS CA  C    sing N N 73  
CYS CA  CB   sing N N 74  
CYS CA  HA   sing N N 75  
CYS C   O    doub N N 76  
CYS C   OXT  sing N N 77  
CYS CB  SG   sing N N 78  
CYS CB  HB2  sing N N 79  
CYS CB  HB3  sing N N 80  
CYS SG  HG   sing N N 81  
CYS OXT HXT  sing N N 82  
GLN N   CA   sing N N 83  
GLN N   H    sing N N 84  
GLN N   H2   sing N N 85  
GLN CA  C    sing N N 86  
GLN CA  CB   sing N N 87  
GLN CA  HA   sing N N 88  
GLN C   O    doub N N 89  
GLN C   OXT  sing N N 90  
GLN CB  CG   sing N N 91  
GLN CB  HB2  sing N N 92  
GLN CB  HB3  sing N N 93  
GLN CG  CD   sing N N 94  
GLN CG  HG2  sing N N 95  
GLN CG  HG3  sing N N 96  
GLN CD  OE1  doub N N 97  
GLN CD  NE2  sing N N 98  
GLN NE2 HE21 sing N N 99  
GLN NE2 HE22 sing N N 100 
GLN OXT HXT  sing N N 101 
GLU N   CA   sing N N 102 
GLU N   H    sing N N 103 
GLU N   H2   sing N N 104 
GLU CA  C    sing N N 105 
GLU CA  CB   sing N N 106 
GLU CA  HA   sing N N 107 
GLU C   O    doub N N 108 
GLU C   OXT  sing N N 109 
GLU CB  CG   sing N N 110 
GLU CB  HB2  sing N N 111 
GLU CB  HB3  sing N N 112 
GLU CG  CD   sing N N 113 
GLU CG  HG2  sing N N 114 
GLU CG  HG3  sing N N 115 
GLU CD  OE1  doub N N 116 
GLU CD  OE2  sing N N 117 
GLU OE2 HE2  sing N N 118 
GLU OXT HXT  sing N N 119 
GLY N   CA   sing N N 120 
GLY N   H    sing N N 121 
GLY N   H2   sing N N 122 
GLY CA  C    sing N N 123 
GLY CA  HA2  sing N N 124 
GLY CA  HA3  sing N N 125 
GLY C   O    doub N N 126 
GLY C   OXT  sing N N 127 
GLY OXT HXT  sing N N 128 
HIS N   CA   sing N N 129 
HIS N   H    sing N N 130 
HIS N   H2   sing N N 131 
HIS CA  C    sing N N 132 
HIS CA  CB   sing N N 133 
HIS CA  HA   sing N N 134 
HIS C   O    doub N N 135 
HIS C   OXT  sing N N 136 
HIS CB  CG   sing N N 137 
HIS CB  HB2  sing N N 138 
HIS CB  HB3  sing N N 139 
HIS CG  ND1  sing Y N 140 
HIS CG  CD2  doub Y N 141 
HIS ND1 CE1  doub Y N 142 
HIS ND1 HD1  sing N N 143 
HIS CD2 NE2  sing Y N 144 
HIS CD2 HD2  sing N N 145 
HIS CE1 NE2  sing Y N 146 
HIS CE1 HE1  sing N N 147 
HIS NE2 HE2  sing N N 148 
HIS OXT HXT  sing N N 149 
HOH O   H1   sing N N 150 
HOH O   H2   sing N N 151 
ILE N   CA   sing N N 152 
ILE N   H    sing N N 153 
ILE N   H2   sing N N 154 
ILE CA  C    sing N N 155 
ILE CA  CB   sing N N 156 
ILE CA  HA   sing N N 157 
ILE C   O    doub N N 158 
ILE C   OXT  sing N N 159 
ILE CB  CG1  sing N N 160 
ILE CB  CG2  sing N N 161 
ILE CB  HB   sing N N 162 
ILE CG1 CD1  sing N N 163 
ILE CG1 HG12 sing N N 164 
ILE CG1 HG13 sing N N 165 
ILE CG2 HG21 sing N N 166 
ILE CG2 HG22 sing N N 167 
ILE CG2 HG23 sing N N 168 
ILE CD1 HD11 sing N N 169 
ILE CD1 HD12 sing N N 170 
ILE CD1 HD13 sing N N 171 
ILE OXT HXT  sing N N 172 
LEU N   CA   sing N N 173 
LEU N   H    sing N N 174 
LEU N   H2   sing N N 175 
LEU CA  C    sing N N 176 
LEU CA  CB   sing N N 177 
LEU CA  HA   sing N N 178 
LEU C   O    doub N N 179 
LEU C   OXT  sing N N 180 
LEU CB  CG   sing N N 181 
LEU CB  HB2  sing N N 182 
LEU CB  HB3  sing N N 183 
LEU CG  CD1  sing N N 184 
LEU CG  CD2  sing N N 185 
LEU CG  HG   sing N N 186 
LEU CD1 HD11 sing N N 187 
LEU CD1 HD12 sing N N 188 
LEU CD1 HD13 sing N N 189 
LEU CD2 HD21 sing N N 190 
LEU CD2 HD22 sing N N 191 
LEU CD2 HD23 sing N N 192 
LEU OXT HXT  sing N N 193 
LYS N   CA   sing N N 194 
LYS N   H    sing N N 195 
LYS N   H2   sing N N 196 
LYS CA  C    sing N N 197 
LYS CA  CB   sing N N 198 
LYS CA  HA   sing N N 199 
LYS C   O    doub N N 200 
LYS C   OXT  sing N N 201 
LYS CB  CG   sing N N 202 
LYS CB  HB2  sing N N 203 
LYS CB  HB3  sing N N 204 
LYS CG  CD   sing N N 205 
LYS CG  HG2  sing N N 206 
LYS CG  HG3  sing N N 207 
LYS CD  CE   sing N N 208 
LYS CD  HD2  sing N N 209 
LYS CD  HD3  sing N N 210 
LYS CE  NZ   sing N N 211 
LYS CE  HE2  sing N N 212 
LYS CE  HE3  sing N N 213 
LYS NZ  HZ1  sing N N 214 
LYS NZ  HZ2  sing N N 215 
LYS NZ  HZ3  sing N N 216 
LYS OXT HXT  sing N N 217 
MET N   CA   sing N N 218 
MET N   H    sing N N 219 
MET N   H2   sing N N 220 
MET CA  C    sing N N 221 
MET CA  CB   sing N N 222 
MET CA  HA   sing N N 223 
MET C   O    doub N N 224 
MET C   OXT  sing N N 225 
MET CB  CG   sing N N 226 
MET CB  HB2  sing N N 227 
MET CB  HB3  sing N N 228 
MET CG  SD   sing N N 229 
MET CG  HG2  sing N N 230 
MET CG  HG3  sing N N 231 
MET SD  CE   sing N N 232 
MET CE  HE1  sing N N 233 
MET CE  HE2  sing N N 234 
MET CE  HE3  sing N N 235 
MET OXT HXT  sing N N 236 
MSE N   CA   sing N N 237 
MSE N   H    sing N N 238 
MSE N   H2   sing N N 239 
MSE CA  C    sing N N 240 
MSE CA  CB   sing N N 241 
MSE CA  HA   sing N N 242 
MSE C   O    doub N N 243 
MSE C   OXT  sing N N 244 
MSE OXT HXT  sing N N 245 
MSE CB  CG   sing N N 246 
MSE CB  HB2  sing N N 247 
MSE CB  HB3  sing N N 248 
MSE CG  SE   sing N N 249 
MSE CG  HG2  sing N N 250 
MSE CG  HG3  sing N N 251 
MSE SE  CE   sing N N 252 
MSE CE  HE1  sing N N 253 
MSE CE  HE2  sing N N 254 
MSE CE  HE3  sing N N 255 
PHE N   CA   sing N N 256 
PHE N   H    sing N N 257 
PHE N   H2   sing N N 258 
PHE CA  C    sing N N 259 
PHE CA  CB   sing N N 260 
PHE CA  HA   sing N N 261 
PHE C   O    doub N N 262 
PHE C   OXT  sing N N 263 
PHE CB  CG   sing N N 264 
PHE CB  HB2  sing N N 265 
PHE CB  HB3  sing N N 266 
PHE CG  CD1  doub Y N 267 
PHE CG  CD2  sing Y N 268 
PHE CD1 CE1  sing Y N 269 
PHE CD1 HD1  sing N N 270 
PHE CD2 CE2  doub Y N 271 
PHE CD2 HD2  sing N N 272 
PHE CE1 CZ   doub Y N 273 
PHE CE1 HE1  sing N N 274 
PHE CE2 CZ   sing Y N 275 
PHE CE2 HE2  sing N N 276 
PHE CZ  HZ   sing N N 277 
PHE OXT HXT  sing N N 278 
PRO N   CA   sing N N 279 
PRO N   CD   sing N N 280 
PRO N   H    sing N N 281 
PRO CA  C    sing N N 282 
PRO CA  CB   sing N N 283 
PRO CA  HA   sing N N 284 
PRO C   O    doub N N 285 
PRO C   OXT  sing N N 286 
PRO CB  CG   sing N N 287 
PRO CB  HB2  sing N N 288 
PRO CB  HB3  sing N N 289 
PRO CG  CD   sing N N 290 
PRO CG  HG2  sing N N 291 
PRO CG  HG3  sing N N 292 
PRO CD  HD2  sing N N 293 
PRO CD  HD3  sing N N 294 
PRO OXT HXT  sing N N 295 
SER N   CA   sing N N 296 
SER N   H    sing N N 297 
SER N   H2   sing N N 298 
SER CA  C    sing N N 299 
SER CA  CB   sing N N 300 
SER CA  HA   sing N N 301 
SER C   O    doub N N 302 
SER C   OXT  sing N N 303 
SER CB  OG   sing N N 304 
SER CB  HB2  sing N N 305 
SER CB  HB3  sing N N 306 
SER OG  HG   sing N N 307 
SER OXT HXT  sing N N 308 
THR N   CA   sing N N 309 
THR N   H    sing N N 310 
THR N   H2   sing N N 311 
THR CA  C    sing N N 312 
THR CA  CB   sing N N 313 
THR CA  HA   sing N N 314 
THR C   O    doub N N 315 
THR C   OXT  sing N N 316 
THR CB  OG1  sing N N 317 
THR CB  CG2  sing N N 318 
THR CB  HB   sing N N 319 
THR OG1 HG1  sing N N 320 
THR CG2 HG21 sing N N 321 
THR CG2 HG22 sing N N 322 
THR CG2 HG23 sing N N 323 
THR OXT HXT  sing N N 324 
TRP N   CA   sing N N 325 
TRP N   H    sing N N 326 
TRP N   H2   sing N N 327 
TRP CA  C    sing N N 328 
TRP CA  CB   sing N N 329 
TRP CA  HA   sing N N 330 
TRP C   O    doub N N 331 
TRP C   OXT  sing N N 332 
TRP CB  CG   sing N N 333 
TRP CB  HB2  sing N N 334 
TRP CB  HB3  sing N N 335 
TRP CG  CD1  doub Y N 336 
TRP CG  CD2  sing Y N 337 
TRP CD1 NE1  sing Y N 338 
TRP CD1 HD1  sing N N 339 
TRP CD2 CE2  doub Y N 340 
TRP CD2 CE3  sing Y N 341 
TRP NE1 CE2  sing Y N 342 
TRP NE1 HE1  sing N N 343 
TRP CE2 CZ2  sing Y N 344 
TRP CE3 CZ3  doub Y N 345 
TRP CE3 HE3  sing N N 346 
TRP CZ2 CH2  doub Y N 347 
TRP CZ2 HZ2  sing N N 348 
TRP CZ3 CH2  sing Y N 349 
TRP CZ3 HZ3  sing N N 350 
TRP CH2 HH2  sing N N 351 
TRP OXT HXT  sing N N 352 
VAL N   CA   sing N N 353 
VAL N   H    sing N N 354 
VAL N   H2   sing N N 355 
VAL CA  C    sing N N 356 
VAL CA  CB   sing N N 357 
VAL CA  HA   sing N N 358 
VAL C   O    doub N N 359 
VAL C   OXT  sing N N 360 
VAL CB  CG1  sing N N 361 
VAL CB  CG2  sing N N 362 
VAL CB  HB   sing N N 363 
VAL CG1 HG11 sing N N 364 
VAL CG1 HG12 sing N N 365 
VAL CG1 HG13 sing N N 366 
VAL CG2 HG21 sing N N 367 
VAL CG2 HG22 sing N N 368 
VAL CG2 HG23 sing N N 369 
VAL OXT HXT  sing N N 370 
# 
_atom_sites.entry_id                    2FGG 
_atom_sites.fract_transf_matrix[1][1]   -0.00230457 
_atom_sites.fract_transf_matrix[1][2]   0.01105093 
_atom_sites.fract_transf_matrix[1][3]   -0.01748205 
_atom_sites.fract_transf_matrix[2][1]   -0.02087673 
_atom_sites.fract_transf_matrix[2][2]   -0.00236720 
_atom_sites.fract_transf_matrix[2][3]   0.00125570 
_atom_sites.fract_transf_matrix[3][1]   -0.00066241 
_atom_sites.fract_transf_matrix[3][2]   0.00885874 
_atom_sites.fract_transf_matrix[3][3]   0.00568720 
_atom_sites.fract_transf_vector[1]      0.083180 
_atom_sites.fract_transf_vector[2]      0.304211 
_atom_sites.fract_transf_vector[3]      0.132401 
# 
loop_
_atom_type.symbol 
C  
N  
O  
S  
SE 
# 
loop_
_atom_site.group_PDB 
_atom_site.id 
_atom_site.type_symbol 
_atom_site.label_atom_id 
_atom_site.label_alt_id 
_atom_site.label_comp_id 
_atom_site.label_asym_id 
_atom_site.label_entity_id 
_atom_site.label_seq_id 
_atom_site.pdbx_PDB_ins_code 
_atom_site.Cartn_x 
_atom_site.Cartn_y 
_atom_site.Cartn_z 
_atom_site.occupancy 
_atom_site.B_iso_or_equiv 
_atom_site.pdbx_formal_charge 
_atom_site.auth_seq_id 
_atom_site.auth_comp_id 
_atom_site.auth_asym_id 
_atom_site.auth_atom_id 
_atom_site.pdbx_PDB_model_num 
ATOM   1   N  N   . SER A 1 4  ? -2.401  -26.664 19.395  1.00 78.01 ? 4   SER A N   1 
ATOM   2   C  CA  . SER A 1 4  ? -3.269  -25.505 19.758  1.00 77.99 ? 4   SER A CA  1 
ATOM   3   C  C   . SER A 1 4  ? -2.550  -24.558 20.726  1.00 77.96 ? 4   SER A C   1 
ATOM   4   O  O   . SER A 1 4  ? -2.073  -24.997 21.773  1.00 78.09 ? 4   SER A O   1 
ATOM   5   C  CB  . SER A 1 4  ? -4.591  -25.994 20.362  1.00 78.01 ? 4   SER A CB  1 
ATOM   6   O  OG  . SER A 1 4  ? -4.366  -26.977 21.361  1.00 77.70 ? 4   SER A OG  1 
ATOM   7   N  N   . GLU A 1 5  ? -2.469  -23.268 20.390  1.00 77.76 ? 5   GLU A N   1 
ATOM   8   C  CA  . GLU A 1 5  ? -3.035  -22.711 19.160  1.00 77.64 ? 5   GLU A CA  1 
ATOM   9   C  C   . GLU A 1 5  ? -1.936  -22.009 18.358  1.00 77.40 ? 5   GLU A C   1 
ATOM   10  O  O   . GLU A 1 5  ? -1.499  -20.905 18.705  1.00 77.46 ? 5   GLU A O   1 
ATOM   11  C  CB  . GLU A 1 5  ? -4.181  -21.729 19.462  1.00 77.81 ? 5   GLU A CB  1 
ATOM   12  C  CG  . GLU A 1 5  ? -4.970  -22.003 20.748  1.00 78.12 ? 5   GLU A CG  1 
ATOM   13  C  CD  . GLU A 1 5  ? -4.384  -21.294 21.963  1.00 78.58 ? 5   GLU A CD  1 
ATOM   14  O  OE1 . GLU A 1 5  ? -4.042  -22.005 22.954  1.00 78.56 ? 5   GLU A OE1 1 
ATOM   15  O  OE2 . GLU A 1 5  ? -4.261  -20.030 21.927  1.00 78.78 ? 5   GLU A OE2 1 
ATOM   16  N  N   . HIS A 1 6  ? -1.515  -22.650 17.272  1.00 76.96 ? 6   HIS A N   1 
ATOM   17  C  CA  . HIS A 1 6  ? -0.308  -22.267 16.535  1.00 76.41 ? 6   HIS A CA  1 
ATOM   18  C  C   . HIS A 1 6  ? -0.566  -21.773 15.107  1.00 75.82 ? 6   HIS A C   1 
ATOM   19  O  O   . HIS A 1 6  ? 0.385   -21.461 14.382  1.00 75.99 ? 6   HIS A O   1 
ATOM   20  C  CB  . HIS A 1 6  ? 0.628   -23.473 16.472  1.00 76.60 ? 6   HIS A CB  1 
ATOM   21  C  CG  . HIS A 1 6  ? -0.031  -24.702 15.924  1.00 77.15 ? 6   HIS A CG  1 
ATOM   22  N  ND1 . HIS A 1 6  ? -0.073  -24.985 14.576  1.00 77.77 ? 6   HIS A ND1 1 
ATOM   23  C  CD2 . HIS A 1 6  ? -0.711  -25.698 16.539  1.00 77.27 ? 6   HIS A CD2 1 
ATOM   24  C  CE1 . HIS A 1 6  ? -0.734  -26.112 14.385  1.00 77.63 ? 6   HIS A CE1 1 
ATOM   25  N  NE2 . HIS A 1 6  ? -1.134  -26.564 15.561  1.00 77.50 ? 6   HIS A NE2 1 
ATOM   26  N  N   . VAL A 1 7  ? -1.835  -21.702 14.702  1.00 74.81 ? 7   VAL A N   1 
ATOM   27  C  CA  . VAL A 1 7  ? -2.172  -21.482 13.290  1.00 73.73 ? 7   VAL A CA  1 
ATOM   28  C  C   . VAL A 1 7  ? -2.020  -20.028 12.836  1.00 73.06 ? 7   VAL A C   1 
ATOM   29  O  O   . VAL A 1 7  ? -2.687  -19.122 13.343  1.00 73.20 ? 7   VAL A O   1 
ATOM   30  C  CB  . VAL A 1 7  ? -3.568  -22.059 12.911  1.00 73.81 ? 7   VAL A CB  1 
ATOM   31  C  CG1 . VAL A 1 7  ? -3.936  -21.706 11.472  1.00 73.70 ? 7   VAL A CG1 1 
ATOM   32  C  CG2 . VAL A 1 7  ? -3.580  -23.574 13.088  1.00 73.60 ? 7   VAL A CG2 1 
ATOM   33  N  N   . GLY A 1 8  ? -1.120  -19.833 11.876  1.00 72.03 ? 8   GLY A N   1 
ATOM   34  C  CA  . GLY A 1 8  ? -0.937  -18.561 11.203  1.00 70.58 ? 8   GLY A CA  1 
ATOM   35  C  C   . GLY A 1 8  ? -1.312  -18.677 9.741   1.00 69.81 ? 8   GLY A C   1 
ATOM   36  O  O   . GLY A 1 8  ? -1.724  -19.740 9.281   1.00 69.46 ? 8   GLY A O   1 
ATOM   37  N  N   . LYS A 1 9  ? -1.169  -17.577 9.011   1.00 69.31 ? 9   LYS A N   1 
ATOM   38  C  CA  . LYS A 1 9  ? -1.520  -17.535 7.590   1.00 69.08 ? 9   LYS A CA  1 
ATOM   39  C  C   . LYS A 1 9  ? -0.597  -16.626 6.773   1.00 68.80 ? 9   LYS A C   1 
ATOM   40  O  O   . LYS A 1 9  ? 0.193   -15.873 7.332   1.00 68.50 ? 9   LYS A O   1 
ATOM   41  C  CB  . LYS A 1 9  ? -2.990  -17.147 7.394   1.00 69.21 ? 9   LYS A CB  1 
ATOM   42  C  CG  . LYS A 1 9  ? -3.491  -16.056 8.319   1.00 69.69 ? 9   LYS A CG  1 
ATOM   43  C  CD  . LYS A 1 9  ? -4.990  -15.931 8.205   1.00 70.59 ? 9   LYS A CD  1 
ATOM   44  C  CE  . LYS A 1 9  ? -5.607  -15.725 9.559   1.00 70.74 ? 9   LYS A CE  1 
ATOM   45  N  NZ  . LYS A 1 9  ? -7.032  -16.120 9.547   1.00 71.94 ? 9   LYS A NZ  1 
ATOM   46  N  N   . THR A 1 10 ? -0.727  -16.703 5.450   1.00 68.76 ? 10  THR A N   1 
ATOM   47  C  CA  . THR A 1 10 ? 0.232   -16.126 4.515   1.00 68.79 ? 10  THR A CA  1 
ATOM   48  C  C   . THR A 1 10 ? -0.441  -15.332 3.397   1.00 68.81 ? 10  THR A C   1 
ATOM   49  O  O   . THR A 1 10 ? -1.279  -15.850 2.666   1.00 68.76 ? 10  THR A O   1 
ATOM   50  C  CB  . THR A 1 10 ? 1.137   -17.239 3.918   1.00 68.72 ? 10  THR A CB  1 
ATOM   51  O  OG1 . THR A 1 10 ? 2.084   -17.661 4.905   1.00 68.77 ? 10  THR A OG1 1 
ATOM   52  C  CG2 . THR A 1 10 ? 1.892   -16.764 2.679   1.00 69.24 ? 10  THR A CG2 1 
ATOM   53  N  N   . CYS A 1 11 ? -0.068  -14.065 3.284   1.00 69.27 ? 11  CYS A N   1 
ATOM   54  C  CA  . CYS A 1 11 ? -0.509  -13.212 2.186   1.00 69.74 ? 11  CYS A CA  1 
ATOM   55  C  C   . CYS A 1 11 ? 0.661   -12.909 1.290   1.00 69.57 ? 11  CYS A C   1 
ATOM   56  O  O   . CYS A 1 11 ? 1.814   -13.139 1.645   1.00 69.90 ? 11  CYS A O   1 
ATOM   57  C  CB  . CYS A 1 11 ? -1.039  -11.870 2.692   1.00 69.44 ? 11  CYS A CB  1 
ATOM   58  S  SG  . CYS A 1 11 ? -2.373  -11.994 3.836   1.00 71.52 ? 11  CYS A SG  1 
ATOM   59  N  N   . GLN A 1 12 ? 0.342   -12.380 0.121   1.00 69.51 ? 12  GLN A N   1 
ATOM   60  C  CA  . GLN A 1 12 ? 1.309   -11.686 -0.685  1.00 69.33 ? 12  GLN A CA  1 
ATOM   61  C  C   . GLN A 1 12 ? 0.716   -10.373 -1.123  1.00 68.86 ? 12  GLN A C   1 
ATOM   62  O  O   . GLN A 1 12 ? -0.460  -10.300 -1.486  1.00 68.90 ? 12  GLN A O   1 
ATOM   63  C  CB  . GLN A 1 12 ? 1.708   -12.518 -1.890  1.00 69.70 ? 12  GLN A CB  1 
ATOM   64  C  CG  . GLN A 1 12 ? 2.750   -13.540 -1.543  1.00 71.28 ? 12  GLN A CG  1 
ATOM   65  C  CD  . GLN A 1 12 ? 3.402   -14.105 -2.755  1.00 73.34 ? 12  GLN A CD  1 
ATOM   66  O  OE1 . GLN A 1 12 ? 2.728   -14.629 -3.646  1.00 74.41 ? 12  GLN A OE1 1 
ATOM   67  N  NE2 . GLN A 1 12 ? 4.726   -13.999 -2.818  1.00 74.31 ? 12  GLN A NE2 1 
ATOM   68  N  N   . ILE A 1 13 ? 1.530   -9.332  -1.053  1.00 68.02 ? 13  ILE A N   1 
ATOM   69  C  CA  . ILE A 1 13 ? 1.168   -8.042  -1.583  1.00 67.39 ? 13  ILE A CA  1 
ATOM   70  C  C   . ILE A 1 13 ? 1.925   -7.916  -2.897  1.00 67.43 ? 13  ILE A C   1 
ATOM   71  O  O   . ILE A 1 13 ? 3.145   -8.059  -2.928  1.00 67.34 ? 13  ILE A O   1 
ATOM   72  C  CB  . ILE A 1 13 ? 1.523   -6.916  -0.593  1.00 67.13 ? 13  ILE A CB  1 
ATOM   73  C  CG1 . ILE A 1 13 ? 0.651   -7.032  0.658   1.00 66.29 ? 13  ILE A CG1 1 
ATOM   74  C  CG2 . ILE A 1 13 ? 1.329   -5.544  -1.221  1.00 66.75 ? 13  ILE A CG2 1 
ATOM   75  C  CD1 . ILE A 1 13 ? 1.245   -6.385  1.861   1.00 64.26 ? 13  ILE A CD1 1 
ATOM   76  N  N   . ASP A 1 14 ? 1.184   -7.687  -3.977  1.00 67.21 ? 14  ASP A N   1 
ATOM   77  C  CA  . ASP A 1 14 ? 1.744   -7.589  -5.320  1.00 67.28 ? 14  ASP A CA  1 
ATOM   78  C  C   . ASP A 1 14 ? 2.043   -6.129  -5.655  1.00 67.21 ? 14  ASP A C   1 
ATOM   79  O  O   . ASP A 1 14 ? 1.120   -5.335  -5.833  1.00 67.36 ? 14  ASP A O   1 
ATOM   80  C  CB  . ASP A 1 14 ? 0.757   -8.168  -6.339  1.00 67.19 ? 14  ASP A CB  1 
ATOM   81  C  CG  . ASP A 1 14 ? 0.546   -9.678  -6.179  1.00 67.93 ? 14  ASP A CG  1 
ATOM   82  O  OD1 . ASP A 1 14 ? 1.532   -10.424 -5.999  1.00 68.21 ? 14  ASP A OD1 1 
ATOM   83  O  OD2 . ASP A 1 14 ? -0.615  -10.128 -6.260  1.00 68.99 ? 14  ASP A OD2 1 
ATOM   84  N  N   . VAL A 1 15 ? 3.327   -5.782  -5.749  1.00 67.14 ? 15  VAL A N   1 
ATOM   85  C  CA  . VAL A 1 15 ? 3.744   -4.399  -6.030  1.00 66.83 ? 15  VAL A CA  1 
ATOM   86  C  C   . VAL A 1 15 ? 4.129   -4.217  -7.492  1.00 66.82 ? 15  VAL A C   1 
ATOM   87  O  O   . VAL A 1 15 ? 4.908   -4.995  -8.028  1.00 66.53 ? 15  VAL A O   1 
ATOM   88  C  CB  . VAL A 1 15 ? 4.940   -3.943  -5.147  1.00 66.88 ? 15  VAL A CB  1 
ATOM   89  C  CG1 . VAL A 1 15 ? 5.226   -2.457  -5.356  1.00 66.71 ? 15  VAL A CG1 1 
ATOM   90  C  CG2 . VAL A 1 15 ? 4.670   -4.221  -3.687  1.00 65.96 ? 15  VAL A CG2 1 
ATOM   91  N  N   . LEU A 1 16 ? 3.567   -3.187  -8.120  1.00 67.02 ? 16  LEU A N   1 
ATOM   92  C  CA  . LEU A 1 16 ? 3.947   -2.770  -9.462  1.00 67.10 ? 16  LEU A CA  1 
ATOM   93  C  C   . LEU A 1 16 ? 4.554   -1.374  -9.397  1.00 67.60 ? 16  LEU A C   1 
ATOM   94  O  O   . LEU A 1 16 ? 3.978   -0.483  -8.788  1.00 67.53 ? 16  LEU A O   1 
ATOM   95  C  CB  . LEU A 1 16 ? 2.722   -2.776  -10.381 1.00 66.86 ? 16  LEU A CB  1 
ATOM   96  C  CG  . LEU A 1 16 ? 2.796   -2.146  -11.778 1.00 66.77 ? 16  LEU A CG  1 
ATOM   97  C  CD1 . LEU A 1 16 ? 3.648   -2.970  -12.734 1.00 66.07 ? 16  LEU A CD1 1 
ATOM   98  C  CD2 . LEU A 1 16 ? 1.404   -1.958  -12.348 1.00 66.80 ? 16  LEU A CD2 1 
ATOM   99  N  N   . ILE A 1 17 ? 5.725   -1.195  -10.006 1.00 68.45 ? 17  ILE A N   1 
ATOM   100 C  CA  . ILE A 1 17 ? 6.351   0.127   -10.133 1.00 69.26 ? 17  ILE A CA  1 
ATOM   101 C  C   . ILE A 1 17 ? 6.443   0.523   -11.602 1.00 69.88 ? 17  ILE A C   1 
ATOM   102 O  O   . ILE A 1 17 ? 7.128   -0.139  -12.375 1.00 69.96 ? 17  ILE A O   1 
ATOM   103 C  CB  . ILE A 1 17 ? 7.780   0.180   -9.529  1.00 69.20 ? 17  ILE A CB  1 
ATOM   104 C  CG1 . ILE A 1 17 ? 7.811   -0.373  -8.104  1.00 69.12 ? 17  ILE A CG1 1 
ATOM   105 C  CG2 . ILE A 1 17 ? 8.332   1.604   -9.559  1.00 69.28 ? 17  ILE A CG2 1 
ATOM   106 C  CD1 . ILE A 1 17 ? 8.300   -1.801  -8.020  1.00 69.39 ? 17  ILE A CD1 1 
ATOM   107 N  N   . GLU A 1 18 ? 5.756   1.596   -11.980 1.00 70.87 ? 18  GLU A N   1 
ATOM   108 C  CA  . GLU A 1 18 ? 5.824   2.115   -13.346 1.00 71.99 ? 18  GLU A CA  1 
ATOM   109 C  C   . GLU A 1 18 ? 6.482   3.480   -13.337 1.00 72.84 ? 18  GLU A C   1 
ATOM   110 O  O   . GLU A 1 18 ? 6.093   4.353   -12.563 1.00 72.85 ? 18  GLU A O   1 
ATOM   111 C  CB  . GLU A 1 18 ? 4.435   2.263   -13.962 1.00 71.96 ? 18  GLU A CB  1 
ATOM   112 C  CG  . GLU A 1 18 ? 3.527   1.065   -13.860 1.00 72.27 ? 18  GLU A CG  1 
ATOM   113 C  CD  . GLU A 1 18 ? 2.150   1.366   -14.414 1.00 72.85 ? 18  GLU A CD  1 
ATOM   114 O  OE1 . GLU A 1 18 ? 1.265   1.760   -13.621 1.00 72.75 ? 18  GLU A OE1 1 
ATOM   115 O  OE2 . GLU A 1 18 ? 1.961   1.233   -15.644 1.00 72.84 ? 18  GLU A OE2 1 
ATOM   116 N  N   . GLU A 1 19 ? 7.466   3.663   -14.210 1.00 74.06 ? 19  GLU A N   1 
ATOM   117 C  CA  . GLU A 1 19 ? 8.202   4.920   -14.300 1.00 75.27 ? 19  GLU A CA  1 
ATOM   118 C  C   . GLU A 1 19 ? 7.845   5.616   -15.612 1.00 76.11 ? 19  GLU A C   1 
ATOM   119 O  O   . GLU A 1 19 ? 8.118   5.090   -16.695 1.00 76.28 ? 19  GLU A O   1 
ATOM   120 C  CB  . GLU A 1 19 ? 9.704   4.656   -14.185 1.00 75.23 ? 19  GLU A CB  1 
ATOM   121 C  CG  . GLU A 1 19 ? 10.103  3.993   -12.867 1.00 75.25 ? 19  GLU A CG  1 
ATOM   122 C  CD  . GLU A 1 19 ? 11.236  2.998   -13.020 1.00 75.57 ? 19  GLU A CD  1 
ATOM   123 O  OE1 . GLU A 1 19 ? 11.056  1.831   -12.614 1.00 75.43 ? 19  GLU A OE1 1 
ATOM   124 O  OE2 . GLU A 1 19 ? 12.303  3.376   -13.552 1.00 75.72 ? 19  GLU A OE2 1 
ATOM   125 N  N   . HIS A 1 20 ? 7.238   6.797   -15.506 1.00 77.20 ? 20  HIS A N   1 
ATOM   126 C  CA  . HIS A 1 20 ? 6.543   7.415   -16.647 1.00 78.19 ? 20  HIS A CA  1 
ATOM   127 C  C   . HIS A 1 20 ? 7.407   7.982   -17.810 1.00 78.59 ? 20  HIS A C   1 
ATOM   128 O  O   . HIS A 1 20 ? 7.331   7.408   -18.898 1.00 78.83 ? 20  HIS A O   1 
ATOM   129 C  CB  . HIS A 1 20 ? 5.412   8.367   -16.196 1.00 78.49 ? 20  HIS A CB  1 
ATOM   130 C  CG  . HIS A 1 20 ? 4.243   7.680   -15.543 1.00 79.36 ? 20  HIS A CG  1 
ATOM   131 N  ND1 . HIS A 1 20 ? 2.935   7.915   -15.921 1.00 80.34 ? 20  HIS A ND1 1 
ATOM   132 C  CD2 . HIS A 1 20 ? 4.182   6.779   -14.531 1.00 79.63 ? 20  HIS A CD2 1 
ATOM   133 C  CE1 . HIS A 1 20 ? 2.123   7.190   -15.172 1.00 80.39 ? 20  HIS A CE1 1 
ATOM   134 N  NE2 . HIS A 1 20 ? 2.854   6.492   -14.319 1.00 80.02 ? 20  HIS A NE2 1 
ATOM   135 N  N   . ASP A 1 21 ? 8.218   9.048   -17.669 1.00 79.04 ? 21  ASP A N   1 
ATOM   136 C  CA  . ASP A 1 21 ? 8.503   9.880   -16.477 1.00 79.34 ? 21  ASP A CA  1 
ATOM   137 C  C   . ASP A 1 21 ? 7.472   11.033  -16.297 1.00 79.33 ? 21  ASP A C   1 
ATOM   138 O  O   . ASP A 1 21 ? 6.526   11.122  -17.089 1.00 79.41 ? 21  ASP A O   1 
ATOM   139 C  CB  . ASP A 1 21 ? 9.935   10.442  -16.597 1.00 79.50 ? 21  ASP A CB  1 
ATOM   140 C  CG  . ASP A 1 21 ? 10.987  9.575   -15.892 1.00 79.99 ? 21  ASP A CG  1 
ATOM   141 O  OD1 . ASP A 1 21 ? 12.181  9.701   -16.244 1.00 80.77 ? 21  ASP A OD1 1 
ATOM   142 O  OD2 . ASP A 1 21 ? 10.635  8.783   -14.985 1.00 80.20 ? 21  ASP A OD2 1 
ATOM   143 N  N   . GLU A 1 22 ? 7.629   11.937  -15.310 1.00 79.15 ? 22  GLU A N   1 
ATOM   144 C  CA  . GLU A 1 22 ? 8.864   12.208  -14.521 1.00 78.76 ? 22  GLU A CA  1 
ATOM   145 C  C   . GLU A 1 22 ? 9.373   11.276  -13.376 1.00 78.08 ? 22  GLU A C   1 
ATOM   146 O  O   . GLU A 1 22 ? 10.593  11.237  -13.194 1.00 78.35 ? 22  GLU A O   1 
ATOM   147 C  CB  . GLU A 1 22 ? 8.953   13.696  -14.091 1.00 79.00 ? 22  GLU A CB  1 
ATOM   148 C  CG  . GLU A 1 22 ? 8.251   14.071  -12.769 1.00 79.70 ? 22  GLU A CG  1 
ATOM   149 C  CD  . GLU A 1 22 ? 6.942   14.840  -12.961 1.00 80.55 ? 22  GLU A CD  1 
ATOM   150 O  OE1 . GLU A 1 22 ? 6.108   14.827  -12.029 1.00 80.63 ? 22  GLU A OE1 1 
ATOM   151 O  OE2 . GLU A 1 22 ? 6.752   15.465  -14.031 1.00 81.15 ? 22  GLU A OE2 1 
ATOM   152 N  N   . ARG A 1 23 ? 8.569   10.553  -12.581 1.00 76.92 ? 23  ARG A N   1 
ATOM   153 C  CA  . ARG A 1 23 ? 7.104   10.524  -12.374 1.00 75.82 ? 23  ARG A CA  1 
ATOM   154 C  C   . ARG A 1 23 ? 6.778   9.054   -12.168 1.00 74.44 ? 23  ARG A C   1 
ATOM   155 O  O   . ARG A 1 23 ? 5.964   8.482   -12.883 1.00 74.34 ? 23  ARG A O   1 
ATOM   156 C  CB  . ARG A 1 23 ? 6.249   11.085  -13.512 1.00 76.18 ? 23  ARG A CB  1 
ATOM   157 C  CG  . ARG A 1 23 ? 5.026   11.919  -13.084 1.00 77.89 ? 23  ARG A CG  1 
ATOM   158 C  CD  . ARG A 1 23 ? 4.686   11.807  -11.587 1.00 80.65 ? 23  ARG A CD  1 
ATOM   159 N  NE  . ARG A 1 23 ? 4.209   13.090  -11.059 1.00 83.00 ? 23  ARG A NE  1 
ATOM   160 C  CZ  . ARG A 1 23 ? 4.202   13.436  -9.772  1.00 83.97 ? 23  ARG A CZ  1 
ATOM   161 N  NH1 . ARG A 1 23 ? 4.646   12.600  -8.842  1.00 84.61 ? 23  ARG A NH1 1 
ATOM   162 N  NH2 . ARG A 1 23 ? 3.749   14.632  -9.410  1.00 84.41 ? 23  ARG A NH2 1 
ATOM   163 N  N   . THR A 1 24 ? 7.441   8.445   -11.194 1.00 72.84 ? 24  THR A N   1 
ATOM   164 C  CA  . THR A 1 24 ? 7.291   7.019   -10.927 1.00 71.27 ? 24  THR A CA  1 
ATOM   165 C  C   . THR A 1 24 ? 6.166   6.715   -9.923  1.00 70.28 ? 24  THR A C   1 
ATOM   166 O  O   . THR A 1 24 ? 6.036   7.374   -8.894  1.00 70.10 ? 24  THR A O   1 
ATOM   167 C  CB  . THR A 1 24 ? 8.658   6.348   -10.569 1.00 71.22 ? 24  THR A CB  1 
ATOM   168 O  OG1 . THR A 1 24 ? 8.482   5.368   -9.540  1.00 71.06 ? 24  THR A OG1 1 
ATOM   169 C  CG2 . THR A 1 24 ? 9.687   7.377   -10.122 1.00 71.04 ? 24  THR A CG2 1 
ATOM   170 N  N   . ARG A 1 25 ? 5.349   5.719   -10.255 1.00 69.17 ? 25  ARG A N   1 
ATOM   171 C  CA  . ARG A 1 25 ? 4.178   5.359   -9.457  1.00 68.29 ? 25  ARG A CA  1 
ATOM   172 C  C   . ARG A 1 25 ? 4.200   3.895   -9.051  1.00 67.28 ? 25  ARG A C   1 
ATOM   173 O  O   . ARG A 1 25 ? 4.490   3.021   -9.857  1.00 66.92 ? 25  ARG A O   1 
ATOM   174 C  CB  . ARG A 1 25 ? 2.889   5.637   -10.234 1.00 68.65 ? 25  ARG A CB  1 
ATOM   175 C  CG  . ARG A 1 25 ? 1.610   5.318   -9.466  1.00 69.87 ? 25  ARG A CG  1 
ATOM   176 C  CD  . ARG A 1 25 ? 0.644   4.507   -10.319 1.00 72.39 ? 25  ARG A CD  1 
ATOM   177 N  NE  . ARG A 1 25 ? -0.076  5.337   -11.278 1.00 73.96 ? 25  ARG A NE  1 
ATOM   178 C  CZ  . ARG A 1 25 ? -0.629  4.888   -12.403 1.00 75.24 ? 25  ARG A CZ  1 
ATOM   179 N  NH1 . ARG A 1 25 ? -0.544  3.605   -12.734 1.00 75.64 ? 25  ARG A NH1 1 
ATOM   180 N  NH2 . ARG A 1 25 ? -1.257  5.734   -13.208 1.00 75.41 ? 25  ARG A NH2 1 
ATOM   181 N  N   . ALA A 1 26 ? 3.881   3.637   -7.792  1.00 66.39 ? 26  ALA A N   1 
ATOM   182 C  CA  . ALA A 1 26 ? 3.754   2.276   -7.308  1.00 65.76 ? 26  ALA A CA  1 
ATOM   183 C  C   . ALA A 1 26 ? 2.332   1.974   -6.860  1.00 65.44 ? 26  ALA A C   1 
ATOM   184 O  O   . ALA A 1 26 ? 1.641   2.824   -6.296  1.00 65.31 ? 26  ALA A O   1 
ATOM   185 C  CB  . ALA A 1 26 ? 4.737   2.000   -6.189  1.00 65.32 ? 26  ALA A CB  1 
ATOM   186 N  N   . LYS A 1 27 ? 1.907   0.752   -7.151  1.00 65.17 ? 27  LYS A N   1 
ATOM   187 C  CA  . LYS A 1 27 ? 0.650   0.216   -6.680  1.00 64.96 ? 27  LYS A CA  1 
ATOM   188 C  C   . LYS A 1 27 ? 0.952   -1.041  -5.871  1.00 65.08 ? 27  LYS A C   1 
ATOM   189 O  O   . LYS A 1 27 ? 1.678   -1.916  -6.345  1.00 65.16 ? 27  LYS A O   1 
ATOM   190 C  CB  . LYS A 1 27 ? -0.264  -0.093  -7.861  1.00 64.71 ? 27  LYS A CB  1 
ATOM   191 C  CG  . LYS A 1 27 ? -0.845  1.156   -8.509  1.00 64.69 ? 27  LYS A CG  1 
ATOM   192 C  CD  . LYS A 1 27 ? -1.605  0.842   -9.781  1.00 63.47 ? 27  LYS A CD  1 
ATOM   193 C  CE  . LYS A 1 27 ? -2.367  2.054   -10.243 1.00 63.36 ? 27  LYS A CE  1 
ATOM   194 N  NZ  . LYS A 1 27 ? -3.449  1.666   -11.178 1.00 64.13 ? 27  LYS A NZ  1 
ATOM   195 N  N   . ALA A 1 28 ? 0.434   -1.097  -4.638  1.00 65.10 ? 28  ALA A N   1 
ATOM   196 C  CA  . ALA A 1 28 ? 0.541   -2.282  -3.774  1.00 65.10 ? 28  ALA A CA  1 
ATOM   197 C  C   . ALA A 1 28 ? -0.841  -2.899  -3.547  1.00 65.34 ? 28  ALA A C   1 
ATOM   198 O  O   . ALA A 1 28 ? -1.677  -2.326  -2.848  1.00 65.55 ? 28  ALA A O   1 
ATOM   199 C  CB  . ALA A 1 28 ? 1.192   -1.926  -2.457  1.00 65.19 ? 28  ALA A CB  1 
ATOM   200 N  N   . ARG A 1 29 ? -1.073  -4.066  -4.147  1.00 65.41 ? 29  ARG A N   1 
ATOM   201 C  CA  . ARG A 1 29 ? -2.375  -4.726  -4.114  1.00 65.62 ? 29  ARG A CA  1 
ATOM   202 C  C   . ARG A 1 29 ? -2.428  -5.850  -3.090  1.00 65.04 ? 29  ARG A C   1 
ATOM   203 O  O   . ARG A 1 29 ? -1.591  -6.737  -3.092  1.00 65.10 ? 29  ARG A O   1 
ATOM   204 C  CB  . ARG A 1 29 ? -2.745  -5.261  -5.505  1.00 65.43 ? 29  ARG A CB  1 
ATOM   205 C  CG  . ARG A 1 29 ? -4.065  -6.042  -5.544  1.00 66.64 ? 29  ARG A CG  1 
ATOM   206 C  CD  . ARG A 1 29 ? -4.355  -6.671  -6.902  1.00 67.06 ? 29  ARG A CD  1 
ATOM   207 N  NE  . ARG A 1 29 ? -3.185  -7.349  -7.461  1.00 70.62 ? 29  ARG A NE  1 
ATOM   208 C  CZ  . ARG A 1 29 ? -3.139  -7.921  -8.664  1.00 71.33 ? 29  ARG A CZ  1 
ATOM   209 N  NH1 . ARG A 1 29 ? -4.207  -7.917  -9.459  1.00 71.85 ? 29  ARG A NH1 1 
ATOM   210 N  NH2 . ARG A 1 29 ? -2.019  -8.505  -9.071  1.00 71.72 ? 29  ARG A NH2 1 
ATOM   211 N  N   . LEU A 1 30 ? -3.430  -5.797  -2.222  1.00 64.82 ? 30  LEU A N   1 
ATOM   212 C  CA  . LEU A 1 30 ? -3.688  -6.849  -1.246  1.00 64.42 ? 30  LEU A CA  1 
ATOM   213 C  C   . LEU A 1 30 ? -5.139  -7.329  -1.366  1.00 64.63 ? 30  LEU A C   1 
ATOM   214 O  O   . LEU A 1 30 ? -6.067  -6.517  -1.413  1.00 64.81 ? 30  LEU A O   1 
ATOM   215 C  CB  . LEU A 1 30 ? -3.400  -6.334  0.174   1.00 64.24 ? 30  LEU A CB  1 
ATOM   216 C  CG  . LEU A 1 30 ? -3.820  -7.166  1.395   1.00 63.80 ? 30  LEU A CG  1 
ATOM   217 C  CD1 . LEU A 1 30 ? -3.095  -8.509  1.462   1.00 62.25 ? 30  LEU A CD1 1 
ATOM   218 C  CD2 . LEU A 1 30 ? -3.595  -6.379  2.667   1.00 63.60 ? 30  LEU A CD2 1 
ATOM   219 N  N   . SER A 1 31 ? -5.330  -8.643  -1.441  1.00 64.66 ? 31  SER A N   1 
ATOM   220 C  CA  . SER A 1 31 ? -6.661  -9.230  -1.355  1.00 64.75 ? 31  SER A CA  1 
ATOM   221 C  C   . SER A 1 31 ? -6.979  -9.474  0.105   1.00 64.80 ? 31  SER A C   1 
ATOM   222 O  O   . SER A 1 31 ? -6.298  -10.257 0.767   1.00 64.62 ? 31  SER A O   1 
ATOM   223 C  CB  . SER A 1 31 ? -6.733  -10.541 -2.132  1.00 64.82 ? 31  SER A CB  1 
ATOM   224 O  OG  . SER A 1 31 ? -6.849  -10.302 -3.520  1.00 65.56 ? 31  SER A OG  1 
ATOM   225 N  N   . TRP A 1 32 ? -8.004  -8.793  0.608   1.00 65.22 ? 32  TRP A N   1 
ATOM   226 C  CA  . TRP A 1 32 ? -8.327  -8.850  2.038   1.00 65.80 ? 32  TRP A CA  1 
ATOM   227 C  C   . TRP A 1 32 ? -9.819  -8.729  2.337   1.00 66.39 ? 32  TRP A C   1 
ATOM   228 O  O   . TRP A 1 32 ? -10.490 -7.826  1.838   1.00 66.50 ? 32  TRP A O   1 
ATOM   229 C  CB  . TRP A 1 32 ? -7.540  -7.792  2.826   1.00 65.41 ? 32  TRP A CB  1 
ATOM   230 C  CG  . TRP A 1 32 ? -7.690  -7.948  4.303   1.00 64.91 ? 32  TRP A CG  1 
ATOM   231 C  CD1 . TRP A 1 32 ? -8.464  -7.192  5.133   1.00 64.63 ? 32  TRP A CD1 1 
ATOM   232 C  CD2 . TRP A 1 32 ? -7.073  -8.945  5.124   1.00 64.84 ? 32  TRP A CD2 1 
ATOM   233 N  NE1 . TRP A 1 32 ? -8.359  -7.649  6.423   1.00 64.49 ? 32  TRP A NE1 1 
ATOM   234 C  CE2 . TRP A 1 32 ? -7.514  -8.726  6.446   1.00 64.68 ? 32  TRP A CE2 1 
ATOM   235 C  CE3 . TRP A 1 32 ? -6.190  -10.004 4.870   1.00 64.53 ? 32  TRP A CE3 1 
ATOM   236 C  CZ2 . TRP A 1 32 ? -7.099  -9.527  7.518   1.00 64.78 ? 32  TRP A CZ2 1 
ATOM   237 C  CZ3 . TRP A 1 32 ? -5.781  -10.804 5.935   1.00 64.62 ? 32  TRP A CZ3 1 
ATOM   238 C  CH2 . TRP A 1 32 ? -6.234  -10.557 7.241   1.00 64.81 ? 32  TRP A CH2 1 
ATOM   239 N  N   . ALA A 1 33 ? -10.316 -9.648  3.165   1.00 67.13 ? 33  ALA A N   1 
ATOM   240 C  CA  . ALA A 1 33 ? -11.715 -9.690  3.569   1.00 67.71 ? 33  ALA A CA  1 
ATOM   241 C  C   . ALA A 1 33 ? -12.636 -9.580  2.361   1.00 68.34 ? 33  ALA A C   1 
ATOM   242 O  O   . ALA A 1 33 ? -13.621 -8.842  2.382   1.00 68.65 ? 33  ALA A O   1 
ATOM   243 C  CB  . ALA A 1 33 ? -12.013 -8.594  4.591   1.00 67.66 ? 33  ALA A CB  1 
ATOM   244 N  N   . GLY A 1 34 ? -12.299 -10.308 1.300   1.00 68.92 ? 34  GLY A N   1 
ATOM   245 C  CA  . GLY A 1 34 ? -13.104 -10.310 0.081   1.00 69.75 ? 34  GLY A CA  1 
ATOM   246 C  C   . GLY A 1 34 ? -13.084 -9.026  -0.736  1.00 70.12 ? 34  GLY A C   1 
ATOM   247 O  O   . GLY A 1 34 ? -13.970 -8.797  -1.564  1.00 70.14 ? 34  GLY A O   1 
ATOM   248 N  N   . ARG A 1 35 ? -12.075 -8.190  -0.510  1.00 70.47 ? 35  ARG A N   1 
ATOM   249 C  CA  . ARG A 1 35 ? -11.908 -6.982  -1.308  1.00 71.11 ? 35  ARG A CA  1 
ATOM   250 C  C   . ARG A 1 35 ? -10.475 -6.823  -1.824  1.00 70.86 ? 35  ARG A C   1 
ATOM   251 O  O   . ARG A 1 35 ? -9.519  -7.305  -1.215  1.00 70.70 ? 35  ARG A O   1 
ATOM   252 C  CB  . ARG A 1 35 ? -12.393 -5.740  -0.539  1.00 71.01 ? 35  ARG A CB  1 
ATOM   253 C  CG  . ARG A 1 35 ? -11.459 -5.251  0.557   1.00 72.23 ? 35  ARG A CG  1 
ATOM   254 C  CD  . ARG A 1 35 ? -12.160 -4.344  1.565   1.00 72.33 ? 35  ARG A CD  1 
ATOM   255 N  NE  . ARG A 1 35 ? -12.900 -5.125  2.554   1.00 74.99 ? 35  ARG A NE  1 
ATOM   256 C  CZ  . ARG A 1 35 ? -13.671 -4.608  3.508   1.00 75.67 ? 35  ARG A CZ  1 
ATOM   257 N  NH1 . ARG A 1 35 ? -13.805 -3.288  3.613   1.00 76.24 ? 35  ARG A NH1 1 
ATOM   258 N  NH2 . ARG A 1 35 ? -14.310 -5.414  4.355   1.00 74.87 ? 35  ARG A NH2 1 
ATOM   259 N  N   . GLN A 1 36 ? -10.355 -6.175  -2.976  1.00 71.11 ? 36  GLN A N   1 
ATOM   260 C  CA  . GLN A 1 36 ? -9.068  -5.855  -3.567  1.00 71.22 ? 36  GLN A CA  1 
ATOM   261 C  C   . GLN A 1 36 ? -8.669  -4.508  -3.032  1.00 71.12 ? 36  GLN A C   1 
ATOM   262 O  O   . GLN A 1 36 ? -9.314  -3.506  -3.317  1.00 71.16 ? 36  GLN A O   1 
ATOM   263 C  CB  . GLN A 1 36 ? -9.165  -5.779  -5.095  1.00 71.34 ? 36  GLN A CB  1 
ATOM   264 C  CG  . GLN A 1 36 ? -9.722  -7.024  -5.760  1.00 72.67 ? 36  GLN A CG  1 
ATOM   265 C  CD  . GLN A 1 36 ? -8.880  -8.258  -5.489  1.00 74.42 ? 36  GLN A CD  1 
ATOM   266 O  OE1 . GLN A 1 36 ? -7.649  -8.195  -5.475  1.00 75.32 ? 36  GLN A OE1 1 
ATOM   267 N  NE2 . GLN A 1 36 ? -9.542  -9.389  -5.273  1.00 75.37 ? 36  GLN A NE2 1 
HETATM 268 N  N   . MSE A 1 37 ? -7.615  -4.477  -2.241  1.00 71.03 ? 37  MSE A N   1 
HETATM 269 C  CA  . MSE A 1 37 ? -7.148  -3.218  -1.702  1.00 71.61 ? 37  MSE A CA  1 
HETATM 270 C  C   . MSE A 1 37 ? -5.878  -2.798  -2.420  1.00 69.78 ? 37  MSE A C   1 
HETATM 271 O  O   . MSE A 1 37 ? -4.971  -3.600  -2.604  1.00 69.84 ? 37  MSE A O   1 
HETATM 272 C  CB  . MSE A 1 37 ? -6.930  -3.340  -0.203  1.00 71.24 ? 37  MSE A CB  1 
HETATM 273 C  CG  . MSE A 1 37 ? -8.186  -3.736  0.533   1.00 72.72 ? 37  MSE A CG  1 
HETATM 274 SE SE  . MSE A 1 37 ? -7.890  -3.907  2.434   1.00 77.05 ? 37  MSE A SE  1 
HETATM 275 C  CE  . MSE A 1 37 ? -7.696  -2.067  2.911   1.00 75.19 ? 37  MSE A CE  1 
ATOM   276 N  N   . VAL A 1 38 ? -5.836  -1.544  -2.853  1.00 68.35 ? 38  VAL A N   1 
ATOM   277 C  CA  . VAL A 1 38 ? -4.680  -1.027  -3.576  1.00 66.50 ? 38  VAL A CA  1 
ATOM   278 C  C   . VAL A 1 38 ? -4.192  0.253   -2.936  1.00 65.52 ? 38  VAL A C   1 
ATOM   279 O  O   . VAL A 1 38 ? -4.935  1.218   -2.803  1.00 65.37 ? 38  VAL A O   1 
ATOM   280 C  CB  . VAL A 1 38 ? -4.984  -0.768  -5.072  1.00 66.46 ? 38  VAL A CB  1 
ATOM   281 C  CG1 . VAL A 1 38 ? -3.702  -0.447  -5.830  1.00 65.71 ? 38  VAL A CG1 1 
ATOM   282 C  CG2 . VAL A 1 38 ? -5.666  -1.966  -5.695  1.00 66.04 ? 38  VAL A CG2 1 
ATOM   283 N  N   . GLY A 1 39 ? -2.933  0.240   -2.530  1.00 64.65 ? 39  GLY A N   1 
ATOM   284 C  CA  . GLY A 1 39 ? -2.248  1.440   -2.083  1.00 63.83 ? 39  GLY A CA  1 
ATOM   285 C  C   . GLY A 1 39 ? -1.518  2.039   -3.264  1.00 63.13 ? 39  GLY A C   1 
ATOM   286 O  O   . GLY A 1 39 ? -0.868  1.320   -4.022  1.00 62.87 ? 39  GLY A O   1 
ATOM   287 N  N   . VAL A 1 40 ? -1.642  3.351   -3.441  1.00 62.48 ? 40  VAL A N   1 
ATOM   288 C  CA  . VAL A 1 40 ? -1.017  4.024   -4.570  1.00 61.89 ? 40  VAL A CA  1 
ATOM   289 C  C   . VAL A 1 40 ? -0.031  5.065   -4.061  1.00 61.67 ? 40  VAL A C   1 
ATOM   290 O  O   . VAL A 1 40 ? -0.363  5.860   -3.189  1.00 61.57 ? 40  VAL A O   1 
ATOM   291 C  CB  . VAL A 1 40 ? -2.069  4.663   -5.509  1.00 61.90 ? 40  VAL A CB  1 
ATOM   292 C  CG1 . VAL A 1 40 ? -1.437  5.040   -6.841  1.00 61.77 ? 40  VAL A CG1 1 
ATOM   293 C  CG2 . VAL A 1 40 ? -3.227  3.705   -5.751  1.00 61.55 ? 40  VAL A CG2 1 
ATOM   294 N  N   . GLY A 1 41 ? 1.183   5.030   -4.605  1.00 61.64 ? 41  GLY A N   1 
ATOM   295 C  CA  . GLY A 1 41 ? 2.240   5.973   -4.254  1.00 62.00 ? 41  GLY A CA  1 
ATOM   296 C  C   . GLY A 1 41 ? 2.912   6.604   -5.464  1.00 62.29 ? 41  GLY A C   1 
ATOM   297 O  O   . GLY A 1 41 ? 3.094   5.953   -6.484  1.00 61.84 ? 41  GLY A O   1 
ATOM   298 N  N   . LEU A 1 42 ? 3.290   7.876   -5.338  1.00 62.99 ? 42  LEU A N   1 
ATOM   299 C  CA  . LEU A 1 42 ? 3.865   8.641   -6.440  1.00 64.10 ? 42  LEU A CA  1 
ATOM   300 C  C   . LEU A 1 42 ? 5.056   9.477   -6.011  1.00 64.74 ? 42  LEU A C   1 
ATOM   301 O  O   . LEU A 1 42 ? 4.999   10.159  -4.995  1.00 64.67 ? 42  LEU A O   1 
ATOM   302 C  CB  . LEU A 1 42 ? 2.810   9.574   -7.025  1.00 64.12 ? 42  LEU A CB  1 
ATOM   303 C  CG  . LEU A 1 42 ? 1.808   8.958   -7.992  1.00 64.87 ? 42  LEU A CG  1 
ATOM   304 C  CD1 . LEU A 1 42 ? 0.401   9.430   -7.671  1.00 65.65 ? 42  LEU A CD1 1 
ATOM   305 C  CD2 . LEU A 1 42 ? 2.191   9.298   -9.428  1.00 65.91 ? 42  LEU A CD2 1 
ATOM   306 N  N   . ALA A 1 43 ? 6.124   9.405   -6.799  1.00 65.93 ? 43  ALA A N   1 
ATOM   307 C  CA  . ALA A 1 43 ? 7.272   10.303  -6.718  1.00 67.46 ? 43  ALA A CA  1 
ATOM   308 C  C   . ALA A 1 43 ? 7.445   10.769  -8.158  1.00 68.72 ? 43  ALA A C   1 
ATOM   309 O  O   . ALA A 1 43 ? 7.307   9.927   -9.033  1.00 69.08 ? 43  ALA A O   1 
ATOM   310 C  CB  . ALA A 1 43 ? 8.478   9.525   -6.267  1.00 67.30 ? 43  ALA A CB  1 
ATOM   311 N  N   . ARG A 1 44 ? 7.748   12.032  -8.498  1.00 70.58 ? 44  ARG A N   1 
ATOM   312 C  CA  . ARG A 1 44 ? 8.365   13.154  -7.751  1.00 72.46 ? 44  ARG A CA  1 
ATOM   313 C  C   . ARG A 1 44 ? 9.653   13.452  -8.518  1.00 73.15 ? 44  ARG A C   1 
ATOM   314 O  O   . ARG A 1 44 ? 9.598   13.680  -9.725  1.00 73.39 ? 44  ARG A O   1 
ATOM   315 C  CB  . ARG A 1 44 ? 8.621   12.906  -6.250  1.00 72.62 ? 44  ARG A CB  1 
ATOM   316 C  CG  . ARG A 1 44 ? 7.656   13.642  -5.300  1.00 73.38 ? 44  ARG A CG  1 
ATOM   317 C  CD  . ARG A 1 44 ? 8.194   13.723  -3.869  1.00 73.59 ? 44  ARG A CD  1 
ATOM   318 N  NE  . ARG A 1 44 ? 8.806   15.016  -3.549  1.00 77.34 ? 44  ARG A NE  1 
ATOM   319 C  CZ  . ARG A 1 44 ? 10.119  15.242  -3.440  1.00 78.91 ? 44  ARG A CZ  1 
ATOM   320 N  NH1 . ARG A 1 44 ? 10.998  14.259  -3.627  1.00 79.38 ? 44  ARG A NH1 1 
ATOM   321 N  NH2 . ARG A 1 44 ? 10.560  16.464  -3.143  1.00 79.56 ? 44  ARG A NH2 1 
ATOM   322 N  N   . LEU A 1 45 ? 10.787  13.452  -7.811  1.00 74.32 ? 45  LEU A N   1 
ATOM   323 C  CA  . LEU A 1 45 ? 12.160  13.441  -8.373  1.00 75.39 ? 45  LEU A CA  1 
ATOM   324 C  C   . LEU A 1 45 ? 12.360  13.739  -9.881  1.00 76.23 ? 45  LEU A C   1 
ATOM   325 O  O   . LEU A 1 45 ? 12.048  12.881  -10.713 1.00 76.47 ? 45  LEU A O   1 
ATOM   326 C  CB  . LEU A 1 45 ? 12.854  12.102  -8.031  1.00 75.32 ? 45  LEU A CB  1 
ATOM   327 C  CG  . LEU A 1 45 ? 13.277  11.684  -6.607  1.00 75.38 ? 45  LEU A CG  1 
ATOM   328 C  CD1 . LEU A 1 45 ? 14.366  12.579  -6.025  1.00 75.95 ? 45  LEU A CD1 1 
ATOM   329 C  CD2 . LEU A 1 45 ? 12.110  11.597  -5.638  1.00 75.21 ? 45  LEU A CD2 1 
ATOM   330 N  N   . ASP A 1 46 ? 12.882  14.916  -10.261 1.00 77.15 ? 46  ASP A N   1 
ATOM   331 C  CA  . ASP A 1 46 ? 13.149  16.093  -9.399  1.00 78.07 ? 46  ASP A CA  1 
ATOM   332 C  C   . ASP A 1 46 ? 13.845  17.328  -10.052 1.00 78.44 ? 46  ASP A C   1 
ATOM   333 O  O   . ASP A 1 46 ? 14.457  18.120  -9.325  1.00 78.56 ? 46  ASP A O   1 
ATOM   334 C  CB  . ASP A 1 46 ? 13.866  15.713  -8.079  1.00 78.22 ? 46  ASP A CB  1 
ATOM   335 C  CG  . ASP A 1 46 ? 15.324  15.274  -8.277  1.00 78.97 ? 46  ASP A CG  1 
ATOM   336 O  OD1 . ASP A 1 46 ? 15.881  15.406  -9.396  1.00 79.20 ? 46  ASP A OD1 1 
ATOM   337 O  OD2 . ASP A 1 46 ? 15.920  14.799  -7.283  1.00 79.75 ? 46  ASP A OD2 1 
ATOM   338 N  N   . PRO A 1 47 ? 13.772  17.515  -11.398 1.00 78.86 ? 47  PRO A N   1 
ATOM   339 C  CA  . PRO A 1 47 ? 13.318  16.716  -12.557 1.00 79.09 ? 47  PRO A CA  1 
ATOM   340 C  C   . PRO A 1 47 ? 13.991  15.352  -12.909 1.00 79.22 ? 47  PRO A C   1 
ATOM   341 O  O   . PRO A 1 47 ? 13.259  14.360  -12.870 1.00 79.27 ? 47  PRO A O   1 
ATOM   342 C  CB  . PRO A 1 47 ? 13.331  17.722  -13.731 1.00 79.18 ? 47  PRO A CB  1 
ATOM   343 C  CG  . PRO A 1 47 ? 13.316  19.074  -13.082 1.00 79.06 ? 47  PRO A CG  1 
ATOM   344 C  CD  . PRO A 1 47 ? 14.118  18.889  -11.823 1.00 78.95 ? 47  PRO A CD  1 
ATOM   345 N  N   . ALA A 1 48 ? 15.290  15.208  -13.252 1.00 79.32 ? 48  ALA A N   1 
ATOM   346 C  CA  . ALA A 1 48 ? 16.443  16.167  -13.322 1.00 79.45 ? 48  ALA A CA  1 
ATOM   347 C  C   . ALA A 1 48 ? 17.118  16.648  -12.006 1.00 79.46 ? 48  ALA A C   1 
ATOM   348 O  O   . ALA A 1 48 ? 16.643  17.576  -11.355 1.00 79.60 ? 48  ALA A O   1 
ATOM   349 C  CB  . ALA A 1 48 ? 16.235  17.320  -14.348 1.00 79.38 ? 48  ALA A CB  1 
ATOM   350 N  N   . ASP A 1 49 ? 18.259  16.055  -11.646 1.00 79.31 ? 49  ASP A N   1 
ATOM   351 C  CA  . ASP A 1 49 ? 19.044  15.192  -12.530 1.00 79.06 ? 49  ASP A CA  1 
ATOM   352 C  C   . ASP A 1 49 ? 19.589  13.935  -11.808 1.00 78.72 ? 49  ASP A C   1 
ATOM   353 O  O   . ASP A 1 49 ? 20.680  13.985  -11.232 1.00 78.84 ? 49  ASP A O   1 
ATOM   354 C  CB  . ASP A 1 49 ? 20.196  16.025  -13.125 1.00 79.15 ? 49  ASP A CB  1 
ATOM   355 C  CG  . ASP A 1 49 ? 20.978  15.289  -14.204 1.00 79.50 ? 49  ASP A CG  1 
ATOM   356 O  OD1 . ASP A 1 49 ? 22.191  15.566  -14.340 1.00 79.72 ? 49  ASP A OD1 1 
ATOM   357 O  OD2 . ASP A 1 49 ? 20.390  14.448  -14.919 1.00 80.04 ? 49  ASP A OD2 1 
ATOM   358 N  N   . GLU A 1 50 ? 18.848  12.818  -11.805 1.00 78.16 ? 50  GLU A N   1 
ATOM   359 C  CA  . GLU A 1 50 ? 17.466  12.722  -12.316 1.00 77.51 ? 50  GLU A CA  1 
ATOM   360 C  C   . GLU A 1 50 ? 16.488  11.868  -11.470 1.00 76.67 ? 50  GLU A C   1 
ATOM   361 O  O   . GLU A 1 50 ? 15.273  11.944  -11.697 1.00 76.84 ? 50  GLU A O   1 
ATOM   362 C  CB  . GLU A 1 50 ? 17.411  12.322  -13.809 1.00 77.69 ? 50  GLU A CB  1 
ATOM   363 C  CG  . GLU A 1 50 ? 17.415  10.819  -14.105 1.00 78.33 ? 50  GLU A CG  1 
ATOM   364 C  CD  . GLU A 1 50 ? 18.718  10.330  -14.727 1.00 79.29 ? 50  GLU A CD  1 
ATOM   365 O  OE1 . GLU A 1 50 ? 18.982  9.109   -14.660 1.00 79.90 ? 50  GLU A OE1 1 
ATOM   366 O  OE2 . GLU A 1 50 ? 19.476  11.157  -15.285 1.00 79.35 ? 50  GLU A OE2 1 
ATOM   367 N  N   . PRO A 1 51 ? 16.993  11.057  -10.502 1.00 75.74 ? 51  PRO A N   1 
ATOM   368 C  CA  . PRO A 1 51 ? 18.362  10.579  -10.183 1.00 74.67 ? 51  PRO A CA  1 
ATOM   369 C  C   . PRO A 1 51 ? 19.025  9.517   -11.138 1.00 73.45 ? 51  PRO A C   1 
ATOM   370 O  O   . PRO A 1 51 ? 19.870  9.974   -11.911 1.00 73.42 ? 51  PRO A O   1 
ATOM   371 C  CB  . PRO A 1 51 ? 18.289  10.231  -8.683  1.00 74.87 ? 51  PRO A CB  1 
ATOM   372 C  CG  . PRO A 1 51 ? 16.917  10.788  -8.211  1.00 75.31 ? 51  PRO A CG  1 
ATOM   373 C  CD  . PRO A 1 51 ? 16.054  10.668  -9.437  1.00 75.68 ? 51  PRO A CD  1 
ATOM   374 N  N   . VAL A 1 52 ? 18.790  8.184   -11.153 1.00 71.70 ? 52  VAL A N   1 
ATOM   375 C  CA  . VAL A 1 52 ? 18.359  7.184   -10.121 1.00 70.21 ? 52  VAL A CA  1 
ATOM   376 C  C   . VAL A 1 52 ? 16.975  7.319   -9.441  1.00 69.02 ? 52  VAL A C   1 
ATOM   377 O  O   . VAL A 1 52 ? 16.856  8.035   -8.462  1.00 69.33 ? 52  VAL A O   1 
ATOM   378 C  CB  . VAL A 1 52 ? 19.558  6.761   -9.149  1.00 70.30 ? 52  VAL A CB  1 
ATOM   379 C  CG1 . VAL A 1 52 ? 20.085  7.915   -8.293  1.00 70.12 ? 52  VAL A CG1 1 
ATOM   380 C  CG2 . VAL A 1 52 ? 19.200  5.560   -8.288  1.00 70.92 ? 52  VAL A CG2 1 
ATOM   381 N  N   . ALA A 1 53 ? 15.937  6.578   -9.848  1.00 67.25 ? 53  ALA A N   1 
ATOM   382 C  CA  . ALA A 1 53 ? 15.910  5.204   -10.387 1.00 65.28 ? 53  ALA A CA  1 
ATOM   383 C  C   . ALA A 1 53 ? 15.467  4.347   -9.199  1.00 63.85 ? 53  ALA A C   1 
ATOM   384 O  O   . ALA A 1 53 ? 14.279  4.084   -9.032  1.00 63.49 ? 53  ALA A O   1 
ATOM   385 C  CB  . ALA A 1 53 ? 17.233  4.736   -10.962 1.00 65.45 ? 53  ALA A CB  1 
ATOM   386 N  N   . GLN A 1 54 ? 16.414  3.968   -8.346  1.00 61.92 ? 54  GLN A N   1 
ATOM   387 C  CA  . GLN A 1 54 ? 16.098  3.268   -7.108  1.00 60.06 ? 54  GLN A CA  1 
ATOM   388 C  C   . GLN A 1 54 ? 15.424  4.210   -6.110  1.00 58.68 ? 54  GLN A C   1 
ATOM   389 O  O   . GLN A 1 54 ? 14.501  3.798   -5.410  1.00 58.28 ? 54  GLN A O   1 
ATOM   390 C  CB  . GLN A 1 54 ? 17.355  2.649   -6.497  1.00 60.21 ? 54  GLN A CB  1 
ATOM   391 C  CG  . GLN A 1 54 ? 17.094  1.696   -5.340  1.00 60.53 ? 54  GLN A CG  1 
ATOM   392 C  CD  . GLN A 1 54 ? 18.355  1.367   -4.573  1.00 61.79 ? 54  GLN A CD  1 
ATOM   393 O  OE1 . GLN A 1 54 ? 19.266  0.735   -5.101  1.00 63.81 ? 54  GLN A OE1 1 
ATOM   394 N  NE2 . GLN A 1 54 ? 18.418  1.797   -3.320  1.00 62.53 ? 54  GLN A NE2 1 
ATOM   395 N  N   . ILE A 1 55 ? 15.881  5.465   -6.061  1.00 57.05 ? 55  ILE A N   1 
ATOM   396 C  CA  . ILE A 1 55 ? 15.300  6.484   -5.180  1.00 55.58 ? 55  ILE A CA  1 
ATOM   397 C  C   . ILE A 1 55 ? 13.815  6.708   -5.483  1.00 54.96 ? 55  ILE A C   1 
ATOM   398 O  O   . ILE A 1 55 ? 12.986  6.640   -4.582  1.00 54.65 ? 55  ILE A O   1 
ATOM   399 C  CB  . ILE A 1 55 ? 16.070  7.830   -5.229  1.00 55.48 ? 55  ILE A CB  1 
ATOM   400 C  CG1 . ILE A 1 55 ? 17.520  7.647   -4.781  1.00 55.02 ? 55  ILE A CG1 1 
ATOM   401 C  CG2 . ILE A 1 55 ? 15.388  8.868   -4.345  1.00 55.10 ? 55  ILE A CG2 1 
ATOM   402 C  CD1 . ILE A 1 55 ? 18.407  8.863   -5.011  1.00 55.29 ? 55  ILE A CD1 1 
ATOM   403 N  N   . GLY A 1 56 ? 13.487  6.958   -6.747  1.00 54.23 ? 56  GLY A N   1 
ATOM   404 C  CA  . GLY A 1 56 ? 12.098  7.133   -7.161  1.00 53.78 ? 56  GLY A CA  1 
ATOM   405 C  C   . GLY A 1 56 ? 11.217  5.923   -6.890  1.00 53.59 ? 56  GLY A C   1 
ATOM   406 O  O   . GLY A 1 56 ? 10.083  6.068   -6.446  1.00 53.38 ? 56  GLY A O   1 
ATOM   407 N  N   . ASP A 1 57 ? 11.750  4.730   -7.155  1.00 53.62 ? 57  ASP A N   1 
ATOM   408 C  CA  . ASP A 1 57 ? 11.039  3.469   -6.943  1.00 53.69 ? 57  ASP A CA  1 
ATOM   409 C  C   . ASP A 1 57 ? 10.737  3.228   -5.480  1.00 53.63 ? 57  ASP A C   1 
ATOM   410 O  O   . ASP A 1 57 ? 9.590   2.973   -5.117  1.00 54.33 ? 57  ASP A O   1 
ATOM   411 C  CB  . ASP A 1 57 ? 11.853  2.281   -7.464  1.00 53.92 ? 57  ASP A CB  1 
ATOM   412 C  CG  . ASP A 1 57 ? 11.994  2.274   -8.965  1.00 54.33 ? 57  ASP A CG  1 
ATOM   413 O  OD1 . ASP A 1 57 ? 11.427  3.160   -9.645  1.00 55.17 ? 57  ASP A OD1 1 
ATOM   414 O  OD2 . ASP A 1 57 ? 12.704  1.379   -9.466  1.00 55.39 ? 57  ASP A OD2 1 
ATOM   415 N  N   . GLU A 1 58 ? 11.761  3.297   -4.638  1.00 53.28 ? 58  GLU A N   1 
ATOM   416 C  CA  . GLU A 1 58 ? 11.580  3.050   -3.205  1.00 52.92 ? 58  GLU A CA  1 
ATOM   417 C  C   . GLU A 1 58 ? 10.708  4.099   -2.501  1.00 52.81 ? 58  GLU A C   1 
ATOM   418 O  O   . GLU A 1 58 ? 10.005  3.780   -1.544  1.00 53.43 ? 58  GLU A O   1 
ATOM   419 C  CB  . GLU A 1 58 ? 12.932  2.876   -2.498  1.00 52.82 ? 58  GLU A CB  1 
ATOM   420 C  CG  . GLU A 1 58 ? 13.802  4.120   -2.447  1.00 51.69 ? 58  GLU A CG  1 
ATOM   421 C  CD  . GLU A 1 58 ? 15.251  3.824   -2.140  1.00 50.82 ? 58  GLU A CD  1 
ATOM   422 O  OE1 . GLU A 1 58 ? 15.642  2.644   -2.107  1.00 52.56 ? 58  GLU A OE1 1 
ATOM   423 O  OE2 . GLU A 1 58 ? 16.016  4.779   -1.948  1.00 49.91 ? 58  GLU A OE2 1 
ATOM   424 N  N   . LEU A 1 59 ? 10.748  5.344   -2.968  1.00 52.29 ? 59  LEU A N   1 
ATOM   425 C  CA  . LEU A 1 59 ? 9.863   6.378   -2.438  1.00 51.77 ? 59  LEU A CA  1 
ATOM   426 C  C   . LEU A 1 59 ? 8.412   6.135   -2.844  1.00 52.12 ? 59  LEU A C   1 
ATOM   427 O  O   . LEU A 1 59 ? 7.497   6.350   -2.052  1.00 52.34 ? 59  LEU A O   1 
ATOM   428 C  CB  . LEU A 1 59 ? 10.313  7.771   -2.886  1.00 51.54 ? 59  LEU A CB  1 
ATOM   429 C  CG  . LEU A 1 59 ? 9.522   8.997   -2.414  1.00 50.91 ? 59  LEU A CG  1 
ATOM   430 C  CD1 . LEU A 1 59 ? 9.241   8.958   -0.922  1.00 49.81 ? 59  LEU A CD1 1 
ATOM   431 C  CD2 . LEU A 1 59 ? 10.253  10.281  -2.783  1.00 50.87 ? 59  LEU A CD2 1 
ATOM   432 N  N   . ALA A 1 60 ? 8.204   5.701   -4.082  1.00 52.44 ? 60  ALA A N   1 
ATOM   433 C  CA  . ALA A 1 60 ? 6.874   5.365   -4.552  1.00 52.81 ? 60  ALA A CA  1 
ATOM   434 C  C   . ALA A 1 60 ? 6.329   4.180   -3.773  1.00 53.25 ? 60  ALA A C   1 
ATOM   435 O  O   . ALA A 1 60 ? 5.181   4.199   -3.358  1.00 54.17 ? 60  ALA A O   1 
ATOM   436 C  CB  . ALA A 1 60 ? 6.887   5.064   -6.022  1.00 52.53 ? 60  ALA A CB  1 
ATOM   437 N  N   . ILE A 1 61 ? 7.148   3.153   -3.578  1.00 53.59 ? 61  ILE A N   1 
ATOM   438 C  CA  . ILE A 1 61 ? 6.723   1.975   -2.832  1.00 54.13 ? 61  ILE A CA  1 
ATOM   439 C  C   . ILE A 1 61 ? 6.369   2.361   -1.400  1.00 54.50 ? 61  ILE A C   1 
ATOM   440 O  O   . ILE A 1 61 ? 5.344   1.942   -0.878  1.00 55.44 ? 61  ILE A O   1 
ATOM   441 C  CB  . ILE A 1 61 ? 7.800   0.871   -2.820  1.00 54.26 ? 61  ILE A CB  1 
ATOM   442 C  CG1 . ILE A 1 61 ? 8.073   0.363   -4.236  1.00 54.67 ? 61  ILE A CG1 1 
ATOM   443 C  CG2 . ILE A 1 61 ? 7.357   -0.295  -1.967  1.00 54.84 ? 61  ILE A CG2 1 
ATOM   444 C  CD1 . ILE A 1 61 ? 9.279   -0.552  -4.319  1.00 56.00 ? 61  ILE A CD1 1 
ATOM   445 N  N   . ALA A 1 62 ? 7.211   3.171   -0.771  1.00 54.50 ? 62  ALA A N   1 
ATOM   446 C  CA  . ALA A 1 62 ? 6.956   3.634   0.582   1.00 54.42 ? 62  ALA A CA  1 
ATOM   447 C  C   . ALA A 1 62 ? 5.599   4.337   0.682   1.00 54.53 ? 62  ALA A C   1 
ATOM   448 O  O   . ALA A 1 62 ? 4.832   4.080   1.597   1.00 55.26 ? 62  ALA A O   1 
ATOM   449 C  CB  . ALA A 1 62 ? 8.089   4.539   1.057   1.00 53.89 ? 62  ALA A CB  1 
ATOM   450 N  N   . ARG A 1 63 ? 5.300   5.218   -0.261  1.00 54.58 ? 63  ARG A N   1 
ATOM   451 C  CA  . ARG A 1 63 ? 4.018   5.933   -0.265  1.00 54.37 ? 63  ARG A CA  1 
ATOM   452 C  C   . ARG A 1 63 ? 2.833   5.006   -0.566  1.00 55.17 ? 63  ARG A C   1 
ATOM   453 O  O   . ARG A 1 63 ? 1.756   5.168   0.005   1.00 55.68 ? 63  ARG A O   1 
ATOM   454 C  CB  . ARG A 1 63 ? 4.066   7.102   -1.238  1.00 53.47 ? 63  ARG A CB  1 
ATOM   455 C  CG  . ARG A 1 63 ? 5.151   8.083   -0.889  1.00 51.83 ? 63  ARG A CG  1 
ATOM   456 C  CD  . ARG A 1 63 ? 5.241   9.227   -1.849  1.00 49.30 ? 63  ARG A CD  1 
ATOM   457 N  NE  . ARG A 1 63 ? 5.862   10.365  -1.183  1.00 48.81 ? 63  ARG A NE  1 
ATOM   458 C  CZ  . ARG A 1 63 ? 6.564   11.308  -1.791  1.00 47.97 ? 63  ARG A CZ  1 
ATOM   459 N  NH1 . ARG A 1 63 ? 6.750   11.258  -3.098  1.00 47.31 ? 63  ARG A NH1 1 
ATOM   460 N  NH2 . ARG A 1 63 ? 7.092   12.296  -1.084  1.00 48.21 ? 63  ARG A NH2 1 
ATOM   461 N  N   . ALA A 1 64 ? 3.048   4.030   -1.442  1.00 55.56 ? 64  ALA A N   1 
ATOM   462 C  CA  . ALA A 1 64 ? 2.043   3.021   -1.720  1.00 56.27 ? 64  ALA A CA  1 
ATOM   463 C  C   . ALA A 1 64 ? 1.712   2.200   -0.478  1.00 56.63 ? 64  ALA A C   1 
ATOM   464 O  O   . ALA A 1 64 ? 0.556   1.944   -0.204  1.00 57.48 ? 64  ALA A O   1 
ATOM   465 C  CB  . ALA A 1 64 ? 2.486   2.130   -2.851  1.00 55.85 ? 64  ALA A CB  1 
ATOM   466 N  N   . LEU A 1 65 ? 2.722   1.787   0.276   1.00 57.51 ? 65  LEU A N   1 
ATOM   467 C  CA  . LEU A 1 65 ? 2.505   0.952   1.461   1.00 57.81 ? 65  LEU A CA  1 
ATOM   468 C  C   . LEU A 1 65 ? 1.848   1.720   2.610   1.00 58.33 ? 65  LEU A C   1 
ATOM   469 O  O   . LEU A 1 65 ? 1.047   1.153   3.343   1.00 58.49 ? 65  LEU A O   1 
ATOM   470 C  CB  . LEU A 1 65 ? 3.820   0.312   1.920   1.00 57.79 ? 65  LEU A CB  1 
ATOM   471 C  CG  . LEU A 1 65 ? 4.492   -0.690  0.974   1.00 56.94 ? 65  LEU A CG  1 
ATOM   472 C  CD1 . LEU A 1 65 ? 5.795   -1.166  1.580   1.00 53.76 ? 65  LEU A CD1 1 
ATOM   473 C  CD2 . LEU A 1 65 ? 3.598   -1.880  0.615   1.00 56.02 ? 65  LEU A CD2 1 
ATOM   474 N  N   . SER A 1 66 ? 2.205   2.997   2.759   1.00 59.05 ? 66  SER A N   1 
ATOM   475 C  CA  . SER A 1 66 ? 1.556   3.916   3.692   1.00 60.09 ? 66  SER A CA  1 
ATOM   476 C  C   . SER A 1 66 ? 0.087   4.027   3.395   1.00 60.01 ? 66  SER A C   1 
ATOM   477 O  O   . SER A 1 66 ? -0.734  4.017   4.304   1.00 60.46 ? 66  SER A O   1 
ATOM   478 C  CB  . SER A 1 66 ? 2.133   5.330   3.578   1.00 60.13 ? 66  SER A CB  1 
ATOM   479 O  OG  . SER A 1 66 ? 3.527   5.325   3.744   1.00 63.06 ? 66  SER A OG  1 
ATOM   480 N  N   . ASP A 1 67 ? -0.234  4.185   2.116   1.00 60.41 ? 67  ASP A N   1 
ATOM   481 C  CA  . ASP A 1 67 ? -1.609  4.311   1.670   1.00 60.41 ? 67  ASP A CA  1 
ATOM   482 C  C   . ASP A 1 67 ? -2.373  3.060   2.084   1.00 60.40 ? 67  ASP A C   1 
ATOM   483 O  O   . ASP A 1 67 ? -3.444  3.143   2.670   1.00 60.70 ? 67  ASP A O   1 
ATOM   484 C  CB  . ASP A 1 67 ? -1.655  4.486   0.152   1.00 60.66 ? 67  ASP A CB  1 
ATOM   485 C  CG  . ASP A 1 67 ? -3.049  4.749   -0.364  1.00 61.63 ? 67  ASP A CG  1 
ATOM   486 O  OD1 . ASP A 1 67 ? -3.904  5.178   0.438   1.00 65.11 ? 67  ASP A OD1 1 
ATOM   487 O  OD2 . ASP A 1 67 ? -3.304  4.542   -1.569  1.00 62.79 ? 67  ASP A OD2 1 
ATOM   488 N  N   . LEU A 1 68 ? -1.799  1.902   1.792   1.00 60.14 ? 68  LEU A N   1 
ATOM   489 C  CA  . LEU A 1 68 ? -2.446  0.642   2.071   1.00 60.05 ? 68  LEU A CA  1 
ATOM   490 C  C   . LEU A 1 68 ? -2.559  0.430   3.578   1.00 60.55 ? 68  LEU A C   1 
ATOM   491 O  O   . LEU A 1 68 ? -3.598  -0.024  4.056   1.00 60.93 ? 68  LEU A O   1 
ATOM   492 C  CB  . LEU A 1 68 ? -1.700  -0.501  1.387   1.00 59.73 ? 68  LEU A CB  1 
ATOM   493 C  CG  . LEU A 1 68 ? -2.237  -1.927  1.510   1.00 59.82 ? 68  LEU A CG  1 
ATOM   494 C  CD1 . LEU A 1 68 ? -3.620  -2.077  0.897   1.00 59.36 ? 68  LEU A CD1 1 
ATOM   495 C  CD2 . LEU A 1 68 ? -1.265  -2.880  0.869   1.00 59.55 ? 68  LEU A CD2 1 
ATOM   496 N  N   . ALA A 1 69 ? -1.501  0.763   4.319   1.00 60.41 ? 69  ALA A N   1 
ATOM   497 C  CA  . ALA A 1 69 ? -1.535  0.708   5.781   1.00 60.31 ? 69  ALA A CA  1 
ATOM   498 C  C   . ALA A 1 69 ? -2.677  1.562   6.335   1.00 60.76 ? 69  ALA A C   1 
ATOM   499 O  O   . ALA A 1 69 ? -3.427  1.104   7.200   1.00 61.05 ? 69  ALA A O   1 
ATOM   500 C  CB  . ALA A 1 69 ? -0.217  1.146   6.367   1.00 60.04 ? 69  ALA A CB  1 
ATOM   501 N  N   . ASN A 1 70 ? -2.826  2.783   5.814   1.00 60.96 ? 70  ASN A N   1 
ATOM   502 C  CA  . ASN A 1 70 ? -3.888  3.694   6.237   1.00 61.11 ? 70  ASN A CA  1 
ATOM   503 C  C   . ASN A 1 70 ? -5.275  3.156   5.926   1.00 60.77 ? 70  ASN A C   1 
ATOM   504 O  O   . ASN A 1 70 ? -6.209  3.339   6.700   1.00 61.24 ? 70  ASN A O   1 
ATOM   505 C  CB  . ASN A 1 70 ? -3.726  5.071   5.604   1.00 61.38 ? 70  ASN A CB  1 
ATOM   506 C  CG  . ASN A 1 70 ? -2.480  5.802   6.082   1.00 64.45 ? 70  ASN A CG  1 
ATOM   507 O  OD1 . ASN A 1 70 ? -1.994  5.601   7.208   1.00 67.10 ? 70  ASN A OD1 1 
ATOM   508 N  ND2 . ASN A 1 70 ? -1.946  6.659   5.219   1.00 66.86 ? 70  ASN A ND2 1 
ATOM   509 N  N   . GLN A 1 71 ? -5.413  2.493   4.788   1.00 60.21 ? 71  GLN A N   1 
ATOM   510 C  CA  . GLN A 1 71 ? -6.669  1.851   4.444   1.00 59.65 ? 71  GLN A CA  1 
ATOM   511 C  C   . GLN A 1 71 ? -6.964  0.707   5.411   1.00 59.36 ? 71  GLN A C   1 
ATOM   512 O  O   . GLN A 1 71 ? -8.113  0.496   5.792   1.00 60.20 ? 71  GLN A O   1 
ATOM   513 C  CB  . GLN A 1 71 ? -6.628  1.338   3.012   1.00 59.51 ? 71  GLN A CB  1 
ATOM   514 C  CG  . GLN A 1 71 ? -6.732  2.427   1.972   1.00 59.08 ? 71  GLN A CG  1 
ATOM   515 C  CD  . GLN A 1 71 ? -6.471  1.895   0.601   1.00 59.29 ? 71  GLN A CD  1 
ATOM   516 O  OE1 . GLN A 1 71 ? -7.114  0.952   0.162   1.00 60.88 ? 71  GLN A OE1 1 
ATOM   517 N  NE2 . GLN A 1 71 ? -5.523  2.490   -0.089  1.00 59.51 ? 71  GLN A NE2 1 
ATOM   518 N  N   . LEU A 1 72 ? -5.924  -0.012  5.818   1.00 58.14 ? 72  LEU A N   1 
ATOM   519 C  CA  . LEU A 1 72 ? -6.079  -1.110  6.753   1.00 57.21 ? 72  LEU A CA  1 
ATOM   520 C  C   . LEU A 1 72 ? -6.375  -0.625  8.178   1.00 56.96 ? 72  LEU A C   1 
ATOM   521 O  O   . LEU A 1 72 ? -7.060  -1.320  8.944   1.00 56.88 ? 72  LEU A O   1 
ATOM   522 C  CB  . LEU A 1 72 ? -4.849  -2.017  6.717   1.00 56.93 ? 72  LEU A CB  1 
ATOM   523 C  CG  . LEU A 1 72 ? -4.749  -2.960  5.518   1.00 55.55 ? 72  LEU A CG  1 
ATOM   524 C  CD1 . LEU A 1 72 ? -3.345  -3.490  5.372   1.00 53.74 ? 72  LEU A CD1 1 
ATOM   525 C  CD2 . LEU A 1 72 ? -5.751  -4.101  5.653   1.00 54.29 ? 72  LEU A CD2 1 
ATOM   526 N  N   . PHE A 1 73 ? -5.869  0.562   8.521   1.00 56.19 ? 73  PHE A N   1 
ATOM   527 C  CA  . PHE A 1 73 ? -6.187  1.199   9.798   1.00 55.43 ? 73  PHE A CA  1 
ATOM   528 C  C   . PHE A 1 73 ? -7.643  1.660   9.806   1.00 54.91 ? 73  PHE A C   1 
ATOM   529 O  O   . PHE A 1 73 ? -8.347  1.510   10.799  1.00 55.11 ? 73  PHE A O   1 
ATOM   530 C  CB  . PHE A 1 73 ? -5.255  2.380   10.091  1.00 55.43 ? 73  PHE A CB  1 
ATOM   531 C  CG  . PHE A 1 73 ? -3.869  1.983   10.551  1.00 55.55 ? 73  PHE A CG  1 
ATOM   532 C  CD1 . PHE A 1 73 ? -3.689  1.157   11.652  1.00 54.95 ? 73  PHE A CD1 1 
ATOM   533 C  CD2 . PHE A 1 73 ? -2.740  2.473   9.898   1.00 54.83 ? 73  PHE A CD2 1 
ATOM   534 C  CE1 . PHE A 1 73 ? -2.404  0.797   12.072  1.00 54.93 ? 73  PHE A CE1 1 
ATOM   535 C  CE2 . PHE A 1 73 ? -1.464  2.130   10.315  1.00 53.05 ? 73  PHE A CE2 1 
ATOM   536 C  CZ  . PHE A 1 73 ? -1.295  1.286   11.400  1.00 54.50 ? 73  PHE A CZ  1 
ATOM   537 N  N   . ALA A 1 74 ? -8.094  2.206   8.691   1.00 54.30 ? 74  ALA A N   1 
ATOM   538 C  CA  . ALA A 1 74 ? -9.494  2.593   8.551   1.00 53.96 ? 74  ALA A CA  1 
ATOM   539 C  C   . ALA A 1 74 ? -10.424 1.381   8.634   1.00 53.54 ? 74  ALA A C   1 
ATOM   540 O  O   . ALA A 1 74 ? -11.528 1.473   9.161   1.00 54.01 ? 74  ALA A O   1 
ATOM   541 C  CB  . ALA A 1 74 ? -9.707  3.342   7.256   1.00 53.33 ? 74  ALA A CB  1 
ATOM   542 N  N   . LEU A 1 75 ? -9.971  0.243   8.125   1.00 53.38 ? 75  LEU A N   1 
ATOM   543 C  CA  . LEU A 1 75 ? -10.775 -0.974  8.147   1.00 52.79 ? 75  LEU A CA  1 
ATOM   544 C  C   . LEU A 1 75 ? -10.850 -1.547  9.557   1.00 52.50 ? 75  LEU A C   1 
ATOM   545 O  O   . LEU A 1 75 ? -11.899 -2.033  9.986   1.00 52.62 ? 75  LEU A O   1 
ATOM   546 C  CB  . LEU A 1 75 ? -10.217 -2.004  7.171   1.00 52.68 ? 75  LEU A CB  1 
ATOM   547 C  CG  . LEU A 1 75 ? -10.989 -3.318  7.007   1.00 53.05 ? 75  LEU A CG  1 
ATOM   548 C  CD1 . LEU A 1 75 ? -12.482 -3.083  6.768   1.00 52.39 ? 75  LEU A CD1 1 
ATOM   549 C  CD2 . LEU A 1 75 ? -10.392 -4.122  5.881   1.00 53.01 ? 75  LEU A CD2 1 
ATOM   550 N  N   . THR A 1 76 ? -9.729  -1.474  10.269  1.00 52.24 ? 76  THR A N   1 
ATOM   551 C  CA  . THR A 1 76 ? -9.652  -1.905  11.659  1.00 51.87 ? 76  THR A CA  1 
ATOM   552 C  C   . THR A 1 76 ? -10.641 -1.134  12.510  1.00 51.32 ? 76  THR A C   1 
ATOM   553 O  O   . THR A 1 76 ? -11.412 -1.738  13.234  1.00 51.39 ? 76  THR A O   1 
ATOM   554 C  CB  . THR A 1 76 ? -8.230  -1.745  12.224  1.00 51.87 ? 76  THR A CB  1 
ATOM   555 O  OG1 . THR A 1 76 ? -7.306  -2.404  11.354  1.00 52.46 ? 76  THR A OG1 1 
ATOM   556 C  CG2 . THR A 1 76 ? -8.123  -2.366  13.602  1.00 52.13 ? 76  THR A CG2 1 
ATOM   557 N  N   . SER A 1 77 ? -10.632 0.191   12.393  1.00 50.95 ? 77  SER A N   1 
ATOM   558 C  CA  . SER A 1 77 ? -11.531 1.042   13.169  1.00 50.81 ? 77  SER A CA  1 
ATOM   559 C  C   . SER A 1 77 ? -12.997 0.749   12.859  1.00 50.65 ? 77  SER A C   1 
ATOM   560 O  O   . SER A 1 77 ? -13.821 0.595   13.753  1.00 50.57 ? 77  SER A O   1 
ATOM   561 C  CB  . SER A 1 77 ? -11.245 2.519   12.909  1.00 50.50 ? 77  SER A CB  1 
ATOM   562 O  OG  . SER A 1 77 ? -12.227 3.313   13.547  1.00 50.58 ? 77  SER A OG  1 
ATOM   563 N  N   . SER A 1 78 ? -13.302 0.683   11.574  1.00 50.85 ? 78  SER A N   1 
ATOM   564 C  CA  . SER A 1 78 ? -14.633 0.364   11.106  1.00 50.99 ? 78  SER A CA  1 
ATOM   565 C  C   . SER A 1 78 ? -15.127 -0.970  11.668  1.00 50.74 ? 78  SER A C   1 
ATOM   566 O  O   . SER A 1 78 ? -16.254 -1.061  12.177  1.00 50.63 ? 78  SER A O   1 
ATOM   567 C  CB  . SER A 1 78 ? -14.611 0.303   9.592   1.00 51.08 ? 78  SER A CB  1 
ATOM   568 O  OG  . SER A 1 78 ? -15.883 -0.058  9.115   1.00 53.89 ? 78  SER A OG  1 
ATOM   569 N  N   . ASP A 1 79 ? -14.275 -1.993  11.584  1.00 50.39 ? 79  ASP A N   1 
ATOM   570 C  CA  . ASP A 1 79 ? -14.596 -3.307  12.136  1.00 50.21 ? 79  ASP A CA  1 
ATOM   571 C  C   . ASP A 1 79 ? -14.728 -3.259  13.653  1.00 49.88 ? 79  ASP A C   1 
ATOM   572 O  O   . ASP A 1 79 ? -15.684 -3.806  14.201  1.00 49.66 ? 79  ASP A O   1 
ATOM   573 C  CB  . ASP A 1 79 ? -13.567 -4.364  11.713  1.00 50.41 ? 79  ASP A CB  1 
ATOM   574 C  CG  . ASP A 1 79 ? -13.675 -4.751  10.232  1.00 51.37 ? 79  ASP A CG  1 
ATOM   575 O  OD1 . ASP A 1 79 ? -14.713 -4.478  9.586   1.00 51.09 ? 79  ASP A OD1 1 
ATOM   576 O  OD2 . ASP A 1 79 ? -12.705 -5.347  9.709   1.00 53.38 ? 79  ASP A OD2 1 
ATOM   577 N  N   . ILE A 1 80 ? -13.784 -2.600  14.327  1.00 49.82 ? 80  ILE A N   1 
ATOM   578 C  CA  . ILE A 1 80 ? -13.874 -2.425  15.784  1.00 49.90 ? 80  ILE A CA  1 
ATOM   579 C  C   . ILE A 1 80 ? -15.199 -1.791  16.157  1.00 50.27 ? 80  ILE A C   1 
ATOM   580 O  O   . ILE A 1 80 ? -15.876 -2.265  17.065  1.00 50.48 ? 80  ILE A O   1 
ATOM   581 C  CB  . ILE A 1 80 ? -12.708 -1.596  16.386  1.00 49.76 ? 80  ILE A CB  1 
ATOM   582 C  CG1 . ILE A 1 80 ? -11.402 -2.391  16.333  1.00 49.52 ? 80  ILE A CG1 1 
ATOM   583 C  CG2 . ILE A 1 80 ? -13.017 -1.196  17.836  1.00 49.12 ? 80  ILE A CG2 1 
ATOM   584 C  CD1 . ILE A 1 80 ? -10.146 -1.594  16.689  1.00 49.64 ? 80  ILE A CD1 1 
ATOM   585 N  N   . GLU A 1 81 ? -15.578 -0.734  15.447  1.00 50.87 ? 81  GLU A N   1 
ATOM   586 C  CA  . GLU A 1 81 ? -16.836 -0.050  15.731  1.00 51.82 ? 81  GLU A CA  1 
ATOM   587 C  C   . GLU A 1 81 ? -18.051 -0.911  15.428  1.00 53.26 ? 81  GLU A C   1 
ATOM   588 O  O   . GLU A 1 81 ? -19.038 -0.860  16.154  1.00 53.32 ? 81  GLU A O   1 
ATOM   589 C  CB  . GLU A 1 81 ? -16.906 1.293   15.007  1.00 51.25 ? 81  GLU A CB  1 
ATOM   590 C  CG  . GLU A 1 81 ? -15.812 2.257   15.430  1.00 49.07 ? 81  GLU A CG  1 
ATOM   591 C  CD  . GLU A 1 81 ? -15.641 2.334   16.945  1.00 46.34 ? 81  GLU A CD  1 
ATOM   592 O  OE1 . GLU A 1 81 ? -16.647 2.531   17.662  1.00 44.80 ? 81  GLU A OE1 1 
ATOM   593 O  OE2 . GLU A 1 81 ? -14.491 2.206   17.416  1.00 44.90 ? 81  GLU A OE2 1 
ATOM   594 N  N   . ALA A 1 82 ? -17.964 -1.716  14.374  1.00 55.40 ? 82  ALA A N   1 
ATOM   595 C  CA  . ALA A 1 82 ? -19.021 -2.667  14.034  1.00 57.64 ? 82  ALA A CA  1 
ATOM   596 C  C   . ALA A 1 82 ? -19.195 -3.773  15.080  1.00 59.57 ? 82  ALA A C   1 
ATOM   597 O  O   . ALA A 1 82 ? -20.323 -4.119  15.423  1.00 59.80 ? 82  ALA A O   1 
ATOM   598 C  CB  . ALA A 1 82 ? -18.778 -3.267  12.663  1.00 57.20 ? 82  ALA A CB  1 
ATOM   599 N  N   . SER A 1 83 ? -18.085 -4.321  15.583  1.00 62.27 ? 83  SER A N   1 
ATOM   600 C  CA  . SER A 1 83 ? -18.125 -5.413  16.569  1.00 64.91 ? 83  SER A CA  1 
ATOM   601 C  C   . SER A 1 83 ? -18.782 -4.980  17.890  1.00 66.94 ? 83  SER A C   1 
ATOM   602 O  O   . SER A 1 83 ? -19.572 -5.727  18.469  1.00 67.33 ? 83  SER A O   1 
ATOM   603 C  CB  . SER A 1 83 ? -16.725 -6.004  16.805  1.00 64.66 ? 83  SER A CB  1 
ATOM   604 O  OG  . SER A 1 83 ? -15.989 -5.247  17.749  1.00 64.60 ? 83  SER A OG  1 
ATOM   605 N  N   . THR A 1 84 ? -18.435 -3.774  18.344  1.00 69.55 ? 84  THR A N   1 
ATOM   606 C  CA  . THR A 1 84 ? -19.083 -3.070  19.468  1.00 71.99 ? 84  THR A CA  1 
ATOM   607 C  C   . THR A 1 84 ? -19.040 -1.572  19.123  1.00 73.44 ? 84  THR A C   1 
ATOM   608 O  O   . THR A 1 84 ? -17.947 -0.997  19.070  1.00 73.76 ? 84  THR A O   1 
ATOM   609 C  CB  . THR A 1 84 ? -18.337 -3.297  20.819  1.00 72.07 ? 84  THR A CB  1 
ATOM   610 O  OG1 . THR A 1 84 ? -16.916 -3.280  20.599  1.00 72.77 ? 84  THR A OG1 1 
ATOM   611 C  CG2 . THR A 1 84 ? -18.737 -4.624  21.471  1.00 72.47 ? 84  THR A CG2 1 
ATOM   612 N  N   . HIS A 1 85 ? -20.178 -0.902  18.918  1.00 75.25 ? 85  HIS A N   1 
ATOM   613 C  CA  . HIS A 1 85 ? -21.531 -1.284  19.354  1.00 77.01 ? 85  HIS A CA  1 
ATOM   614 C  C   . HIS A 1 85 ? -22.167 -2.564  18.802  1.00 77.71 ? 85  HIS A C   1 
ATOM   615 O  O   . HIS A 1 85 ? -21.866 -3.014  17.696  1.00 77.74 ? 85  HIS A O   1 
ATOM   616 C  CB  . HIS A 1 85 ? -22.494 -0.118  19.059  1.00 77.40 ? 85  HIS A CB  1 
ATOM   617 C  CG  . HIS A 1 85 ? -22.884 -0.002  17.612  1.00 78.80 ? 85  HIS A CG  1 
ATOM   618 N  ND1 . HIS A 1 85 ? -24.158 -0.279  17.158  1.00 79.89 ? 85  HIS A ND1 1 
ATOM   619 C  CD2 . HIS A 1 85 ? -22.162 0.341   16.516  1.00 79.55 ? 85  HIS A CD2 1 
ATOM   620 C  CE1 . HIS A 1 85 ? -24.207 -0.104  15.849  1.00 80.19 ? 85  HIS A CE1 1 
ATOM   621 N  NE2 . HIS A 1 85 ? -23.009 0.272   15.434  1.00 80.12 ? 85  HIS A NE2 1 
ATOM   622 N  N   . GLN A 1 86 ? -23.057 -3.124  19.620  1.00 78.78 ? 86  GLN A N   1 
ATOM   623 C  CA  . GLN A 1 86 ? -24.084 -4.082  19.195  1.00 79.71 ? 86  GLN A CA  1 
ATOM   624 C  C   . GLN A 1 86 ? -25.278 -4.005  20.169  1.00 80.12 ? 86  GLN A C   1 
ATOM   625 O  O   . GLN A 1 86 ? -25.427 -4.871  21.039  1.00 80.28 ? 86  GLN A O   1 
ATOM   626 C  CB  . GLN A 1 86 ? -23.535 -5.522  19.045  1.00 79.85 ? 86  GLN A CB  1 
ATOM   627 C  CG  . GLN A 1 86 ? -22.232 -5.858  19.802  1.00 80.64 ? 86  GLN A CG  1 
ATOM   628 C  CD  . GLN A 1 86 ? -22.413 -6.045  21.304  1.00 81.82 ? 86  GLN A CD  1 
ATOM   629 O  OE1 . GLN A 1 86 ? -21.736 -5.396  22.105  1.00 82.38 ? 86  GLN A OE1 1 
ATOM   630 N  NE2 . GLN A 1 86 ? -23.322 -6.938  21.692  1.00 82.02 ? 86  GLN A NE2 1 
ATOM   631 N  N   . PRO A 1 87 ? -26.129 -2.957  20.030  1.00 80.52 ? 87  PRO A N   1 
ATOM   632 C  CA  . PRO A 1 87 ? -27.217 -2.685  20.984  1.00 80.68 ? 87  PRO A CA  1 
ATOM   633 C  C   . PRO A 1 87 ? -28.542 -3.391  20.657  1.00 80.80 ? 87  PRO A C   1 
ATOM   634 O  O   . PRO A 1 87 ? -29.531 -3.257  21.387  1.00 80.83 ? 87  PRO A O   1 
ATOM   635 C  CB  . PRO A 1 87 ? -27.388 -1.157  20.898  1.00 80.70 ? 87  PRO A CB  1 
ATOM   636 C  CG  . PRO A 1 87 ? -26.703 -0.732  19.599  1.00 80.72 ? 87  PRO A CG  1 
ATOM   637 C  CD  . PRO A 1 87 ? -26.117 -1.959  18.944  1.00 80.56 ? 87  PRO A CD  1 
HETATM 638 O  O   . HOH B 2 .  ? -2.895  -10.284 -1.972  1.00 62.22 ? 102 HOH A O   1 
HETATM 639 O  O   . HOH B 2 .  ? -10.324 0.233   1.608   1.00 48.95 ? 103 HOH A O   1 
HETATM 640 O  O   . HOH B 2 .  ? 1.577   9.340   -3.246  1.00 38.59 ? 104 HOH A O   1 
HETATM 641 O  O   . HOH B 2 .  ? 4.348   13.511  -5.157  1.00 64.18 ? 105 HOH A O   1 
HETATM 642 O  O   . HOH B 2 .  ? -11.752 2.692   16.653  1.00 32.84 ? 106 HOH A O   1 
HETATM 643 O  O   . HOH B 2 .  ? -7.266  1.438   14.394  1.00 34.76 ? 107 HOH A O   1 
HETATM 644 O  O   . HOH B 2 .  ? 3.590   4.935   6.864   1.00 46.78 ? 108 HOH A O   1 
HETATM 645 O  O   . HOH B 2 .  ? -19.101 3.573   16.951  1.00 46.27 ? 109 HOH A O   1 
HETATM 646 O  O   . HOH B 2 .  ? -10.524 1.352   3.937   1.00 46.79 ? 110 HOH A O   1 
HETATM 647 O  O   . HOH B 2 .  ? -14.462 4.187   11.676  1.00 48.13 ? 111 HOH A O   1 
HETATM 648 O  O   . HOH B 2 .  ? -19.441 4.064   14.131  1.00 54.53 ? 112 HOH A O   1 
HETATM 649 O  O   . HOH B 2 .  ? -8.189  0.258   -2.358  1.00 47.05 ? 113 HOH A O   1 
HETATM 650 O  O   . HOH B 2 .  ? -16.964 3.883   12.020  1.00 48.09 ? 114 HOH A O   1 
HETATM 651 O  O   . HOH B 2 .  ? -3.230  -9.515  -4.837  1.00 61.32 ? 115 HOH A O   1 
# 
